data_6TP5
#
_entry.id   6TP5
#
_cell.length_a   92.079
_cell.length_b   92.079
_cell.length_c   129.500
_cell.angle_alpha   90.000
_cell.angle_beta   90.000
_cell.angle_gamma   120.000
#
_symmetry.space_group_name_H-M   'P 31'
#
loop_
_entity.id
_entity.type
_entity.pdbx_description
1 polymer 'Transmembrane prolyl 4-hydroxylase'
2 branched 2-acetamido-2-deoxy-beta-D-glucopyranose-(1-4)-2-acetamido-2-deoxy-beta-D-glucopyranose
3 branched alpha-D-mannopyranose-(1-2)-alpha-D-mannopyranose-(1-2)-alpha-D-mannopyranose-(1-3)-[alpha-D-mannopyranose-(1-2)-alpha-D-mannopyranose-(1-6)-[alpha-D-mannopyranose-(1-3)]alpha-D-mannopyranose-(1-6)]beta-D-mannopyranose-(1-4)-2-acetamido-2-deoxy-beta-D-glucopyranose-(1-4)-2-acetamido-2-deoxy-beta-D-glucopyranose
4 branched beta-D-mannopyranose-(1-2)-alpha-D-mannopyranose-(1-2)-alpha-D-mannopyranose-(1-3)-[alpha-D-mannopyranose-(1-2)-alpha-D-mannopyranose-(1-6)-[alpha-D-mannopyranose-(1-3)]alpha-D-mannopyranose-(1-6)]beta-D-mannopyranose-(1-4)-2-acetamido-2-deoxy-beta-D-glucopyranose-(1-4)-2-acetamido-2-deoxy-beta-D-glucopyranose
5 non-polymer N-OXALYLGLYCINE
6 non-polymer 'FE (II) ION'
7 non-polymer 'TERTIARY-BUTYL ALCOHOL'
8 non-polymer GLYCINE
9 non-polymer 'CALCIUM ION'
10 non-polymer 'CHLORIDE ION'
11 water water
#
_entity_poly.entity_id   1
_entity_poly.type   'polypeptide(L)'
_entity_poly.pdbx_seq_one_letter_code
;HHHHHHDESSDPGPQHRVQGPGPEPTLGPLTRLEGIKVGHERKVQLVTDRDHFIRTLSLKPLLFEIPGFLTDEECRLIIH
LAQMKGLQRSQILPTEEYEEAMSTMQVSQLDLFRLLDQNRDGHLQLREVLAQTRLGNGWWMTPESIQEMYAAIKADPDGD
GVLSLQEFSNMDLRDFHKYMRSHKAESSELVRNSHHTWLYQGEGAHHIMRAIRQRVLRLTRLSPEIVELSEPLQVVRYGE
GGHYHAHVDSGPVYPETICSHTKLVANESVPFETSCRYMTVLFYLNNVTGGGETVFPVADNRTYDEMSLIQDDVDLRDTR
RHCDKGNLRVKPQQGTAVFWYNYLPDGQGWVGDVDDYSLHGGCLVTRGTKWIANNWINVDPSRARQALFQQEMARLAREG
GTDSQPEWALDRAYRDARVEL
;
_entity_poly.pdbx_strand_id   A,B
#
# COMPACT_ATOMS: atom_id res chain seq x y z
N THR A 26 0.44 46.55 -10.10
CA THR A 26 0.69 47.00 -8.73
C THR A 26 -0.46 46.60 -7.81
N LEU A 27 -0.19 45.68 -6.88
CA LEU A 27 -1.21 45.17 -5.95
C LEU A 27 -0.90 45.46 -4.49
N GLY A 28 0.31 45.87 -4.15
CA GLY A 28 0.69 46.09 -2.78
C GLY A 28 1.45 44.90 -2.22
N PRO A 29 2.10 45.09 -1.07
CA PRO A 29 2.92 44.01 -0.51
C PRO A 29 2.09 42.85 0.00
N LEU A 30 2.66 41.66 -0.11
CA LEU A 30 2.03 40.45 0.40
C LEU A 30 2.28 40.31 1.90
N THR A 31 1.21 40.11 2.66
CA THR A 31 1.33 39.87 4.09
C THR A 31 2.08 38.57 4.35
N ARG A 32 3.11 38.65 5.18
CA ARG A 32 3.86 37.49 5.62
C ARG A 32 3.93 37.53 7.15
N LEU A 33 3.31 36.54 7.80
CA LEU A 33 3.26 36.54 9.26
C LEU A 33 4.64 36.27 9.85
N GLU A 34 4.99 37.02 10.90
CA GLU A 34 6.28 36.84 11.54
C GLU A 34 6.26 35.66 12.49
N GLY A 35 7.23 34.75 12.32
CA GLY A 35 7.32 33.61 13.21
C GLY A 35 7.93 33.94 14.56
N ILE A 36 8.76 34.98 14.63
CA ILE A 36 9.34 35.50 15.88
C ILE A 36 10.30 34.50 16.49
N LYS A 37 9.81 33.36 16.96
CA LYS A 37 10.66 32.28 17.46
C LYS A 37 9.84 31.02 17.61
N VAL A 38 10.52 29.88 17.62
CA VAL A 38 9.85 28.60 17.81
C VAL A 38 9.12 28.60 19.14
N GLY A 39 7.85 28.21 19.11
CA GLY A 39 7.04 28.16 20.32
C GLY A 39 6.29 29.43 20.64
N HIS A 40 6.46 30.49 19.85
CA HIS A 40 5.72 31.72 20.08
C HIS A 40 4.23 31.51 19.82
N GLU A 41 3.41 31.87 20.80
CA GLU A 41 1.96 31.77 20.69
C GLU A 41 1.37 33.17 20.76
N ARG A 42 0.47 33.47 19.83
CA ARG A 42 -0.25 34.74 19.83
C ARG A 42 -1.74 34.48 19.67
N LYS A 43 -2.53 35.26 20.38
CA LYS A 43 -3.99 35.17 20.25
C LYS A 43 -4.42 35.78 18.93
N VAL A 44 -5.35 35.11 18.26
CA VAL A 44 -5.93 35.60 17.02
C VAL A 44 -7.44 35.40 17.10
N GLN A 45 -8.18 36.36 16.56
CA GLN A 45 -9.64 36.31 16.54
C GLN A 45 -10.09 36.00 15.12
N LEU A 46 -10.55 34.76 14.91
CA LEU A 46 -11.07 34.31 13.63
C LEU A 46 -12.58 34.07 13.65
N VAL A 47 -13.14 33.75 14.80
CA VAL A 47 -14.58 33.60 14.97
C VAL A 47 -14.99 34.40 16.21
N THR A 48 -16.16 35.03 16.12
CA THR A 48 -16.65 35.84 17.24
C THR A 48 -16.85 35.00 18.49
N ASP A 49 -17.07 33.70 18.33
CA ASP A 49 -17.41 32.84 19.45
C ASP A 49 -16.24 32.69 20.41
N ARG A 50 -15.10 32.19 19.92
CA ARG A 50 -14.00 31.77 20.77
C ARG A 50 -12.70 32.41 20.32
N ASP A 51 -11.66 32.16 21.11
CA ASP A 51 -10.31 32.61 20.80
C ASP A 51 -9.50 31.49 20.17
N HIS A 52 -8.59 31.87 19.28
CA HIS A 52 -7.64 30.95 18.68
C HIS A 52 -6.22 31.43 18.95
N PHE A 53 -5.27 30.51 18.84
CA PHE A 53 -3.88 30.78 19.19
C PHE A 53 -2.98 30.22 18.10
N ILE A 54 -2.14 31.08 17.52
CA ILE A 54 -1.20 30.68 16.49
C ILE A 54 0.14 30.37 17.12
N ARG A 55 0.58 29.11 17.01
CA ARG A 55 1.88 28.69 17.52
C ARG A 55 2.86 28.55 16.37
N THR A 56 4.03 29.15 16.51
CA THR A 56 5.12 28.97 15.55
C THR A 56 5.77 27.61 15.78
N LEU A 57 5.82 26.78 14.74
CA LEU A 57 6.49 25.48 14.84
C LEU A 57 7.92 25.51 14.33
N SER A 58 8.20 26.35 13.33
CA SER A 58 9.55 26.52 12.81
C SER A 58 9.62 27.82 12.02
N LEU A 59 10.85 28.26 11.76
CA LEU A 59 11.11 29.41 10.90
C LEU A 59 11.59 29.03 9.52
N LYS A 60 12.31 27.92 9.40
CA LYS A 60 12.69 27.31 8.11
C LYS A 60 12.07 25.93 8.03
N PRO A 61 10.91 25.76 7.38
CA PRO A 61 10.11 26.81 6.74
C PRO A 61 9.29 27.57 7.78
N LEU A 62 8.68 28.68 7.36
CA LEU A 62 7.85 29.48 8.25
C LEU A 62 6.52 28.74 8.39
N LEU A 63 6.33 28.06 9.52
CA LEU A 63 5.29 27.07 9.71
C LEU A 63 4.57 27.30 11.03
N PHE A 64 3.24 27.38 10.98
CA PHE A 64 2.41 27.67 12.14
C PHE A 64 1.38 26.56 12.39
N GLU A 65 0.83 26.57 13.61
CA GLU A 65 -0.18 25.62 14.02
C GLU A 65 -1.29 26.33 14.77
N ILE A 66 -2.54 25.99 14.45
CA ILE A 66 -3.70 26.55 15.15
C ILE A 66 -4.61 25.41 15.61
N PRO A 67 -4.60 25.07 16.90
CA PRO A 67 -5.53 24.06 17.39
C PRO A 67 -6.97 24.53 17.28
N GLY A 68 -7.86 23.61 16.94
CA GLY A 68 -9.27 23.90 16.94
C GLY A 68 -9.72 24.88 15.87
N PHE A 69 -8.93 25.04 14.81
CA PHE A 69 -9.34 25.92 13.72
C PHE A 69 -10.69 25.53 13.19
N LEU A 70 -10.93 24.24 13.01
CA LEU A 70 -12.23 23.72 12.59
C LEU A 70 -12.91 23.08 13.78
N THR A 71 -14.24 23.21 13.81
CA THR A 71 -15.00 22.47 14.82
C THR A 71 -15.11 21.01 14.41
N ASP A 72 -15.48 20.17 15.37
CA ASP A 72 -15.66 18.76 15.06
C ASP A 72 -16.75 18.55 14.01
N GLU A 73 -17.80 19.39 14.07
CA GLU A 73 -18.88 19.29 13.08
C GLU A 73 -18.39 19.64 11.68
N GLU A 74 -17.57 20.68 11.53
CA GLU A 74 -17.13 21.08 10.21
C GLU A 74 -16.19 20.04 9.58
N CYS A 75 -15.34 19.42 10.39
CA CYS A 75 -14.50 18.31 9.91
C CYS A 75 -15.34 17.19 9.34
N ARG A 76 -16.37 16.79 10.09
CA ARG A 76 -17.23 15.69 9.67
C ARG A 76 -18.03 16.06 8.43
N LEU A 77 -18.35 17.35 8.26
CA LEU A 77 -19.05 17.77 7.05
C LEU A 77 -18.15 17.66 5.83
N ILE A 78 -16.89 18.06 5.96
CA ILE A 78 -15.95 18.01 4.84
C ILE A 78 -15.75 16.57 4.39
N ILE A 79 -15.55 15.66 5.35
CA ILE A 79 -15.37 14.25 4.99
C ILE A 79 -16.59 13.74 4.23
N HIS A 80 -17.78 14.06 4.74
CA HIS A 80 -19.00 13.53 4.15
C HIS A 80 -19.23 14.10 2.75
N LEU A 81 -18.98 15.39 2.56
CA LEU A 81 -19.10 15.99 1.23
C LEU A 81 -18.08 15.36 0.27
N ALA A 82 -16.89 15.03 0.78
CA ALA A 82 -15.91 14.34 -0.04
C ALA A 82 -16.37 12.93 -0.39
N GLN A 83 -16.89 12.19 0.59
CA GLN A 83 -17.34 10.84 0.33
C GLN A 83 -18.50 10.83 -0.65
N MET A 84 -19.42 11.79 -0.51
CA MET A 84 -20.58 11.82 -1.41
C MET A 84 -20.17 12.13 -2.85
N LYS A 85 -19.13 12.94 -3.03
CA LYS A 85 -18.64 13.22 -4.37
C LYS A 85 -17.92 12.01 -4.97
N GLY A 86 -17.21 11.24 -4.15
CA GLY A 86 -16.43 10.13 -4.64
C GLY A 86 -14.97 10.49 -4.81
N LEU A 87 -14.09 9.69 -4.23
CA LEU A 87 -12.66 9.93 -4.32
C LEU A 87 -12.07 9.21 -5.53
N GLN A 88 -10.88 9.65 -5.92
CA GLN A 88 -10.14 8.98 -6.99
C GLN A 88 -8.70 8.79 -6.55
N ARG A 89 -8.03 7.82 -7.18
CA ARG A 89 -6.63 7.57 -6.90
C ARG A 89 -5.82 8.85 -7.13
N SER A 90 -5.04 9.23 -6.13
CA SER A 90 -4.28 10.48 -6.20
C SER A 90 -3.19 10.42 -7.26
N GLN A 91 -2.60 9.25 -7.50
CA GLN A 91 -1.55 9.11 -8.50
C GLN A 91 -1.85 7.90 -9.38
N ILE A 92 -1.80 8.10 -10.69
CA ILE A 92 -2.01 6.99 -11.63
C ILE A 92 -0.83 6.03 -11.56
N LEU A 93 -1.11 4.73 -11.68
CA LEU A 93 -0.03 3.74 -11.70
C LEU A 93 0.78 3.92 -12.97
N PRO A 94 2.08 4.19 -12.87
CA PRO A 94 2.89 4.39 -14.08
C PRO A 94 2.90 3.15 -14.95
N THR A 95 2.89 3.37 -16.26
CA THR A 95 2.97 2.29 -17.23
C THR A 95 4.26 2.32 -18.05
N GLU A 96 5.14 3.31 -17.82
CA GLU A 96 6.29 3.52 -18.70
C GLU A 96 7.46 4.16 -17.95
N GLU A 97 8.59 4.22 -18.66
CA GLU A 97 9.78 4.98 -18.32
C GLU A 97 9.56 6.49 -18.51
N TYR A 98 10.52 7.27 -18.03
CA TYR A 98 10.42 8.73 -18.04
C TYR A 98 10.82 9.30 -19.40
N GLU A 99 10.14 10.38 -19.80
CA GLU A 99 10.43 11.06 -21.06
C GLU A 99 10.39 12.56 -20.82
N GLU A 100 11.32 13.28 -21.46
CA GLU A 100 11.37 14.74 -21.33
C GLU A 100 11.84 15.39 -22.63
N GLN A 106 16.46 13.96 -24.49
CA GLN A 106 17.32 14.77 -25.36
C GLN A 106 18.78 14.66 -24.95
N VAL A 107 19.03 13.80 -23.96
CA VAL A 107 20.37 13.59 -23.41
C VAL A 107 20.97 12.34 -24.03
N SER A 108 22.24 12.42 -24.41
CA SER A 108 23.00 11.22 -24.73
C SER A 108 23.30 10.46 -23.43
N GLN A 109 23.60 9.16 -23.59
CA GLN A 109 23.75 8.30 -22.42
C GLN A 109 24.83 8.80 -21.48
N LEU A 110 25.96 9.28 -22.02
CA LEU A 110 27.03 9.74 -21.15
C LEU A 110 26.69 11.08 -20.49
N ASP A 111 26.00 11.96 -21.21
CA ASP A 111 25.57 13.21 -20.59
C ASP A 111 24.64 12.94 -19.42
N LEU A 112 23.86 11.86 -19.47
CA LEU A 112 23.05 11.48 -18.32
C LEU A 112 23.93 11.00 -17.17
N PHE A 113 25.01 10.26 -17.48
CA PHE A 113 25.94 9.84 -16.44
C PHE A 113 26.55 11.05 -15.74
N ARG A 114 27.08 12.00 -16.51
CA ARG A 114 27.66 13.21 -15.93
C ARG A 114 26.67 13.98 -15.08
N LEU A 115 25.37 13.94 -15.44
CA LEU A 115 24.37 14.61 -14.62
C LEU A 115 24.13 13.87 -13.31
N LEU A 116 24.10 12.53 -13.37
CA LEU A 116 23.84 11.75 -12.17
C LEU A 116 25.03 11.72 -11.22
N ASP A 117 26.26 11.73 -11.75
CA ASP A 117 27.46 11.60 -10.92
C ASP A 117 27.75 12.96 -10.27
N GLN A 118 27.01 13.24 -9.19
CA GLN A 118 27.14 14.52 -8.50
C GLN A 118 28.55 14.75 -7.99
N ASN A 119 29.11 13.79 -7.27
CA ASN A 119 30.43 13.96 -6.66
C ASN A 119 31.57 13.68 -7.63
N ARG A 120 31.27 13.35 -8.89
CA ARG A 120 32.25 13.31 -9.97
C ARG A 120 33.41 12.35 -9.67
N ASP A 121 33.07 11.15 -9.20
CA ASP A 121 34.08 10.13 -8.96
C ASP A 121 34.01 9.00 -9.98
N GLY A 122 33.28 9.19 -11.08
CA GLY A 122 33.18 8.18 -12.12
C GLY A 122 32.33 6.99 -11.77
N HIS A 123 31.53 7.08 -10.70
CA HIS A 123 30.71 6.00 -10.21
C HIS A 123 29.36 6.56 -9.77
N LEU A 124 28.29 5.86 -10.13
CA LEU A 124 26.95 6.22 -9.67
C LEU A 124 26.66 5.47 -8.38
N GLN A 125 26.72 6.19 -7.27
CA GLN A 125 26.28 5.63 -5.99
C GLN A 125 24.75 5.55 -5.97
N LEU A 126 24.22 4.74 -5.04
CA LEU A 126 22.77 4.63 -4.89
C LEU A 126 22.14 6.00 -4.62
N ARG A 127 22.74 6.79 -3.73
CA ARG A 127 22.17 8.09 -3.40
C ARG A 127 22.09 9.00 -4.62
N GLU A 128 23.00 8.82 -5.59
CA GLU A 128 22.98 9.64 -6.79
C GLU A 128 21.84 9.23 -7.73
N VAL A 129 21.54 7.92 -7.81
CA VAL A 129 20.37 7.48 -8.55
C VAL A 129 19.09 7.89 -7.82
N LEU A 130 19.08 7.73 -6.49
CA LEU A 130 17.92 8.11 -5.68
C LEU A 130 17.58 9.59 -5.81
N ALA A 131 18.58 10.45 -6.01
CA ALA A 131 18.36 11.89 -6.07
C ALA A 131 17.58 12.32 -7.31
N GLN A 132 17.44 11.46 -8.31
CA GLN A 132 16.69 11.77 -9.52
C GLN A 132 15.42 10.92 -9.57
N THR A 133 14.49 11.22 -8.65
CA THR A 133 13.28 10.42 -8.53
C THR A 133 12.42 10.46 -9.78
N ARG A 134 12.51 11.54 -10.57
CA ARG A 134 11.79 11.58 -11.84
C ARG A 134 12.11 10.39 -12.74
N LEU A 135 13.30 9.79 -12.59
CA LEU A 135 13.66 8.64 -13.41
C LEU A 135 12.72 7.46 -13.16
N GLY A 136 12.13 7.38 -11.97
CA GLY A 136 11.12 6.38 -11.68
C GLY A 136 9.79 6.64 -12.36
N ASN A 137 9.58 7.84 -12.88
CA ASN A 137 8.36 8.22 -13.59
C ASN A 137 7.10 7.92 -12.78
N GLY A 138 7.15 8.24 -11.49
CA GLY A 138 6.00 8.05 -10.62
C GLY A 138 6.27 7.03 -9.54
N TRP A 139 6.99 5.97 -9.89
CA TRP A 139 7.41 5.01 -8.88
C TRP A 139 8.43 5.66 -7.95
N TRP A 140 8.33 5.31 -6.67
CA TRP A 140 9.31 5.76 -5.68
C TRP A 140 10.47 4.78 -5.69
N MET A 141 11.68 5.31 -5.75
CA MET A 141 12.87 4.46 -5.77
C MET A 141 13.42 4.32 -4.35
N THR A 142 13.84 3.10 -4.03
CA THR A 142 14.55 2.77 -2.79
C THR A 142 15.84 2.07 -3.18
N PRO A 143 16.80 1.95 -2.25
CA PRO A 143 17.99 1.14 -2.54
C PRO A 143 17.64 -0.26 -3.04
N GLU A 144 16.64 -0.89 -2.42
CA GLU A 144 16.23 -2.24 -2.78
C GLU A 144 15.58 -2.29 -4.16
N SER A 145 14.70 -1.32 -4.45
CA SER A 145 14.06 -1.30 -5.76
C SER A 145 15.07 -1.07 -6.87
N ILE A 146 16.09 -0.24 -6.60
CA ILE A 146 17.13 0.02 -7.60
C ILE A 146 17.95 -1.24 -7.85
N GLN A 147 18.41 -1.88 -6.78
CA GLN A 147 19.24 -3.07 -6.92
C GLN A 147 18.46 -4.26 -7.47
N GLU A 148 17.15 -4.32 -7.23
CA GLU A 148 16.34 -5.37 -7.85
C GLU A 148 16.25 -5.15 -9.35
N MET A 149 16.14 -3.90 -9.78
CA MET A 149 16.14 -3.60 -11.19
C MET A 149 17.50 -3.87 -11.80
N TYR A 150 18.59 -3.45 -11.14
CA TYR A 150 19.94 -3.80 -11.58
C TYR A 150 20.06 -5.30 -11.83
N ALA A 151 19.57 -6.12 -10.90
CA ALA A 151 19.74 -7.56 -11.03
C ALA A 151 18.92 -8.11 -12.19
N ALA A 152 17.76 -7.52 -12.46
CA ALA A 152 16.91 -8.03 -13.52
C ALA A 152 17.52 -7.76 -14.89
N ILE A 153 18.08 -6.57 -15.10
CA ILE A 153 18.64 -6.21 -16.39
C ILE A 153 20.16 -6.43 -16.36
N LYS A 154 20.65 -7.07 -15.31
CA LYS A 154 22.05 -7.45 -15.19
C LYS A 154 22.99 -6.26 -15.35
N ALA A 155 22.59 -5.12 -14.78
CA ALA A 155 23.36 -3.90 -14.91
C ALA A 155 24.56 -3.83 -13.97
N ASP A 156 24.57 -4.62 -12.89
CA ASP A 156 25.57 -4.52 -11.83
C ASP A 156 26.26 -5.87 -11.67
N PRO A 157 27.21 -6.20 -12.54
CA PRO A 157 27.81 -7.54 -12.50
C PRO A 157 28.45 -7.90 -11.18
N ASP A 158 29.23 -6.99 -10.59
CA ASP A 158 29.87 -7.27 -9.31
C ASP A 158 28.94 -7.04 -8.12
N GLY A 159 27.71 -6.62 -8.36
CA GLY A 159 26.69 -6.53 -7.33
C GLY A 159 27.06 -5.75 -6.09
N ASP A 160 27.66 -4.57 -6.26
CA ASP A 160 27.97 -3.70 -5.14
C ASP A 160 27.02 -2.51 -5.02
N GLY A 161 25.99 -2.43 -5.87
CA GLY A 161 25.06 -1.33 -5.83
C GLY A 161 25.54 -0.07 -6.52
N VAL A 162 26.77 -0.06 -7.03
CA VAL A 162 27.37 1.09 -7.71
C VAL A 162 27.54 0.75 -9.18
N LEU A 163 27.14 1.67 -10.05
CA LEU A 163 27.40 1.54 -11.49
C LEU A 163 28.62 2.40 -11.82
N SER A 164 29.73 1.76 -12.15
CA SER A 164 30.87 2.49 -12.67
C SER A 164 30.56 3.01 -14.06
N LEU A 165 31.45 3.86 -14.59
CA LEU A 165 31.30 4.33 -15.97
C LEU A 165 31.26 3.16 -16.94
N GLN A 166 32.15 2.18 -16.75
CA GLN A 166 32.16 1.01 -17.63
C GLN A 166 30.84 0.25 -17.55
N GLU A 167 30.34 0.01 -16.33
CA GLU A 167 29.09 -0.72 -16.20
C GLU A 167 27.95 0.06 -16.81
N PHE A 168 27.93 1.38 -16.62
CA PHE A 168 26.86 2.19 -17.16
C PHE A 168 26.88 2.19 -18.68
N SER A 169 28.05 2.37 -19.28
CA SER A 169 28.19 2.35 -20.73
C SER A 169 28.00 0.96 -21.32
N ASN A 170 28.07 -0.09 -20.50
CA ASN A 170 27.94 -1.45 -21.00
C ASN A 170 26.50 -1.92 -21.07
N MET A 171 25.54 -1.13 -20.62
CA MET A 171 24.14 -1.56 -20.58
C MET A 171 23.36 -0.86 -21.68
N ASP A 172 22.39 -1.59 -22.23
CA ASP A 172 21.47 -1.04 -23.23
C ASP A 172 20.27 -0.47 -22.49
N LEU A 173 20.04 0.83 -22.65
CA LEU A 173 18.95 1.47 -21.93
C LEU A 173 17.59 0.95 -22.38
N ARG A 174 17.51 0.32 -23.55
CA ARG A 174 16.27 -0.34 -23.95
C ARG A 174 15.86 -1.39 -22.92
N ASP A 175 16.82 -2.08 -22.32
CA ASP A 175 16.51 -3.04 -21.27
C ASP A 175 15.91 -2.36 -20.06
N PHE A 176 16.42 -1.17 -19.71
CA PHE A 176 15.82 -0.41 -18.62
C PHE A 176 14.40 0.01 -18.96
N HIS A 177 14.17 0.47 -20.20
CA HIS A 177 12.84 0.88 -20.62
C HIS A 177 11.86 -0.28 -20.55
N LYS A 178 12.27 -1.45 -21.05
CA LYS A 178 11.40 -2.61 -21.06
C LYS A 178 11.07 -3.06 -19.64
N TYR A 179 12.02 -2.90 -18.71
CA TYR A 179 11.74 -3.22 -17.31
C TYR A 179 10.70 -2.27 -16.75
N MET A 180 10.80 -0.98 -17.09
CA MET A 180 9.82 -0.02 -16.58
C MET A 180 8.44 -0.22 -17.20
N ARG A 181 8.39 -0.69 -18.45
CA ARG A 181 7.10 -0.84 -19.12
C ARG A 181 6.27 -1.98 -18.53
N SER A 182 6.94 -3.06 -18.12
CA SER A 182 6.24 -4.23 -17.59
C SER A 182 6.20 -4.27 -16.08
N HIS A 183 6.71 -3.24 -15.41
CA HIS A 183 6.78 -3.23 -13.95
C HIS A 183 5.37 -3.09 -13.37
N LYS A 184 5.00 -4.03 -12.52
CA LYS A 184 3.68 -4.05 -11.91
C LYS A 184 3.85 -3.99 -10.40
N ALA A 185 3.34 -2.93 -9.80
CA ALA A 185 3.57 -2.67 -8.39
C ALA A 185 2.33 -2.00 -7.82
N GLU A 186 2.30 -1.91 -6.49
CA GLU A 186 1.16 -1.36 -5.79
C GLU A 186 1.39 0.11 -5.43
N SER A 187 0.29 0.77 -5.09
CA SER A 187 0.35 2.18 -4.73
C SER A 187 1.27 2.45 -3.55
N SER A 188 1.55 1.46 -2.71
CA SER A 188 2.53 1.70 -1.65
C SER A 188 3.95 1.88 -2.20
N GLU A 189 4.19 1.60 -3.47
CA GLU A 189 5.48 1.83 -4.10
C GLU A 189 5.49 3.11 -4.93
N LEU A 190 4.44 3.93 -4.82
CA LEU A 190 4.34 5.19 -5.55
C LEU A 190 4.89 6.34 -4.70
N VAL A 191 5.16 7.46 -5.38
CA VAL A 191 5.47 8.71 -4.68
C VAL A 191 4.31 9.08 -3.75
N ARG A 192 3.09 9.03 -4.27
CA ARG A 192 1.88 9.48 -3.59
C ARG A 192 0.86 8.35 -3.56
N ASN A 193 0.40 8.00 -2.37
CA ASN A 193 -0.42 6.80 -2.14
C ASN A 193 -1.63 7.17 -1.29
N SER A 194 -2.67 7.65 -1.96
CA SER A 194 -3.86 8.19 -1.30
C SER A 194 -4.96 8.35 -2.35
N HIS A 195 -6.15 8.71 -1.87
CA HIS A 195 -7.28 9.10 -2.72
C HIS A 195 -7.70 10.52 -2.34
N HIS A 196 -8.30 11.23 -3.29
CA HIS A 196 -8.68 12.60 -3.00
C HIS A 196 -9.77 13.08 -3.94
N THR A 197 -10.34 14.23 -3.59
CA THR A 197 -11.30 14.96 -4.42
C THR A 197 -11.18 16.44 -4.08
N TRP A 198 -12.06 17.25 -4.67
CA TRP A 198 -12.06 18.70 -4.50
C TRP A 198 -13.47 19.17 -4.16
N LEU A 199 -13.55 20.21 -3.32
CA LEU A 199 -14.83 20.78 -2.91
C LEU A 199 -14.89 22.27 -3.21
N TYR A 200 -15.99 22.70 -3.83
CA TYR A 200 -16.22 24.11 -4.13
C TYR A 200 -16.47 24.90 -2.85
N GLN A 201 -16.11 26.19 -2.88
CA GLN A 201 -16.28 27.05 -1.70
C GLN A 201 -16.80 28.43 -2.05
N GLY A 202 -17.17 28.68 -3.31
CA GLY A 202 -17.72 29.95 -3.72
C GLY A 202 -19.22 29.97 -3.55
N GLU A 203 -19.83 31.02 -4.10
CA GLU A 203 -21.27 31.19 -3.95
C GLU A 203 -22.01 30.07 -4.67
N GLY A 204 -22.96 29.46 -3.96
CA GLY A 204 -23.58 28.23 -4.40
C GLY A 204 -23.09 26.99 -3.68
N ALA A 205 -22.35 27.14 -2.59
CA ALA A 205 -21.82 26.03 -1.81
C ALA A 205 -22.35 26.12 -0.38
N HIS A 206 -22.23 24.99 0.32
CA HIS A 206 -22.67 24.89 1.70
C HIS A 206 -22.10 26.02 2.54
N HIS A 207 -22.98 26.65 3.34
CA HIS A 207 -22.59 27.84 4.09
C HIS A 207 -21.39 27.59 4.99
N ILE A 208 -21.21 26.35 5.46
CA ILE A 208 -20.03 26.04 6.26
C ILE A 208 -18.78 26.05 5.38
N MET A 209 -18.89 25.52 4.16
CA MET A 209 -17.73 25.50 3.26
C MET A 209 -17.29 26.92 2.90
N ARG A 210 -18.22 27.86 2.88
CA ARG A 210 -17.90 29.26 2.59
C ARG A 210 -17.42 30.01 3.82
N ALA A 211 -17.92 29.65 5.00
CA ALA A 211 -17.41 30.25 6.23
C ALA A 211 -15.96 29.86 6.46
N ILE A 212 -15.57 28.66 6.04
CA ILE A 212 -14.19 28.22 6.20
C ILE A 212 -13.26 29.01 5.29
N ARG A 213 -13.69 29.29 4.06
CA ARG A 213 -12.88 30.12 3.18
C ARG A 213 -12.70 31.51 3.77
N GLN A 214 -13.77 32.10 4.30
CA GLN A 214 -13.63 33.40 4.97
C GLN A 214 -12.71 33.31 6.17
N ARG A 215 -12.71 32.17 6.86
CA ARG A 215 -11.81 32.00 8.00
C ARG A 215 -10.36 31.94 7.56
N VAL A 216 -10.08 31.28 6.44
CA VAL A 216 -8.73 31.25 5.90
C VAL A 216 -8.33 32.65 5.42
N LEU A 217 -9.26 33.37 4.80
CA LEU A 217 -8.98 34.74 4.37
C LEU A 217 -8.63 35.62 5.55
N ARG A 218 -9.37 35.49 6.66
CA ARG A 218 -9.09 36.29 7.85
C ARG A 218 -7.77 35.88 8.50
N LEU A 219 -7.37 34.62 8.33
CA LEU A 219 -6.12 34.16 8.93
C LEU A 219 -4.91 34.67 8.16
N THR A 220 -4.89 34.44 6.85
CA THR A 220 -3.72 34.78 6.04
C THR A 220 -3.61 36.27 5.77
N ARG A 221 -4.69 37.02 5.96
CA ARG A 221 -4.69 38.47 5.76
C ARG A 221 -4.22 38.82 4.35
N LEU A 222 -4.59 37.99 3.38
CA LEU A 222 -4.33 38.28 1.98
C LEU A 222 -5.55 38.91 1.34
N SER A 223 -5.35 39.46 0.14
CA SER A 223 -6.45 40.12 -0.56
C SER A 223 -7.56 39.11 -0.85
N PRO A 224 -8.82 39.53 -0.80
CA PRO A 224 -9.91 38.59 -1.14
C PRO A 224 -9.75 38.01 -2.54
N GLU A 225 -9.26 38.79 -3.49
CA GLU A 225 -9.04 38.28 -4.85
C GLU A 225 -8.13 37.07 -4.86
N ILE A 226 -6.98 37.15 -4.17
CA ILE A 226 -6.01 36.06 -4.18
C ILE A 226 -6.65 34.78 -3.66
N VAL A 227 -7.33 34.88 -2.51
CA VAL A 227 -7.84 33.68 -1.85
C VAL A 227 -8.98 33.06 -2.65
N GLU A 228 -9.93 33.88 -3.07
CA GLU A 228 -11.11 33.37 -3.77
C GLU A 228 -10.81 32.96 -5.21
N LEU A 229 -9.57 33.11 -5.68
CA LEU A 229 -9.18 32.70 -7.02
C LEU A 229 -8.23 31.51 -7.03
N SER A 230 -7.91 30.96 -5.86
CA SER A 230 -6.98 29.85 -5.76
C SER A 230 -7.71 28.52 -5.98
N GLU A 231 -6.92 27.44 -5.96
CA GLU A 231 -7.43 26.09 -6.18
C GLU A 231 -8.52 25.75 -5.16
N PRO A 232 -9.51 24.95 -5.56
CA PRO A 232 -10.54 24.51 -4.61
C PRO A 232 -9.95 23.64 -3.51
N LEU A 233 -10.72 23.45 -2.46
CA LEU A 233 -10.26 22.68 -1.32
C LEU A 233 -10.06 21.22 -1.72
N GLN A 234 -8.88 20.68 -1.43
CA GLN A 234 -8.58 19.28 -1.72
C GLN A 234 -8.79 18.45 -0.46
N VAL A 235 -9.61 17.40 -0.55
CA VAL A 235 -9.84 16.48 0.55
C VAL A 235 -9.16 15.16 0.24
N VAL A 236 -8.25 14.75 1.11
CA VAL A 236 -7.41 13.58 0.90
C VAL A 236 -7.75 12.52 1.94
N ARG A 237 -7.90 11.28 1.49
CA ARG A 237 -8.03 10.12 2.36
C ARG A 237 -6.79 9.25 2.23
N TYR A 238 -6.02 9.14 3.30
CA TYR A 238 -4.96 8.14 3.43
C TYR A 238 -5.56 6.92 4.12
N GLY A 239 -5.64 5.79 3.40
CA GLY A 239 -6.02 4.56 4.05
C GLY A 239 -4.89 3.98 4.87
N GLU A 240 -5.21 2.95 5.65
CA GLU A 240 -4.18 2.20 6.35
C GLU A 240 -3.17 1.68 5.34
N GLY A 241 -1.91 2.11 5.47
CA GLY A 241 -0.87 1.79 4.51
C GLY A 241 -0.51 2.92 3.57
N GLY A 242 -1.26 4.03 3.61
CA GLY A 242 -0.99 5.14 2.73
C GLY A 242 0.13 6.03 3.24
N HIS A 243 0.62 6.87 2.33
CA HIS A 243 1.82 7.66 2.58
C HIS A 243 1.92 8.70 1.47
N TYR A 244 2.81 9.66 1.68
CA TYR A 244 3.13 10.64 0.65
C TYR A 244 4.59 11.03 0.91
N HIS A 245 5.50 10.59 0.04
CA HIS A 245 6.91 10.86 0.26
C HIS A 245 7.18 12.35 0.17
N ALA A 246 8.25 12.80 0.83
CA ALA A 246 8.46 14.23 1.04
C ALA A 246 8.70 14.95 -0.28
N HIS A 247 8.11 16.14 -0.40
CA HIS A 247 8.12 16.94 -1.62
C HIS A 247 7.97 18.41 -1.23
N VAL A 248 8.05 19.30 -2.22
CA VAL A 248 7.70 20.70 -2.06
C VAL A 248 6.46 20.96 -2.91
N ASP A 249 5.63 21.92 -2.46
CA ASP A 249 4.32 22.14 -3.06
C ASP A 249 4.36 23.02 -4.31
N SER A 250 5.47 23.72 -4.58
CA SER A 250 5.55 24.63 -5.71
C SER A 250 6.91 24.50 -6.38
N GLY A 251 6.92 24.58 -7.72
CA GLY A 251 8.13 24.35 -8.48
C GLY A 251 8.99 25.59 -8.60
N PRO A 252 10.18 25.41 -9.20
CA PRO A 252 11.15 26.51 -9.28
C PRO A 252 10.63 27.71 -10.04
N VAL A 253 11.27 28.85 -9.81
CA VAL A 253 10.87 30.13 -10.37
C VAL A 253 11.94 30.53 -11.39
N TYR A 254 11.65 30.32 -12.66
CA TYR A 254 12.41 30.89 -13.76
C TYR A 254 11.63 32.04 -14.37
N PRO A 255 12.30 32.96 -15.08
CA PRO A 255 11.57 34.07 -15.72
C PRO A 255 10.55 33.62 -16.76
N GLU A 256 10.51 32.34 -17.11
CA GLU A 256 9.58 31.83 -18.10
C GLU A 256 8.62 30.77 -17.55
N THR A 257 8.68 30.48 -16.26
CA THR A 257 7.76 29.51 -15.67
C THR A 257 6.33 30.06 -15.72
N ILE A 258 5.35 29.16 -15.89
CA ILE A 258 3.95 29.51 -16.09
C ILE A 258 3.13 28.84 -15.00
N CYS A 259 2.31 29.63 -14.31
CA CYS A 259 1.46 29.13 -13.23
C CYS A 259 0.13 28.64 -13.77
N SER A 260 -0.27 27.44 -13.35
CA SER A 260 -1.53 26.87 -13.85
C SER A 260 -2.71 27.74 -13.50
N HIS A 261 -2.77 28.23 -12.26
CA HIS A 261 -3.93 29.01 -11.81
C HIS A 261 -4.08 30.32 -12.58
N THR A 262 -2.99 30.91 -13.07
CA THR A 262 -3.03 32.19 -13.79
C THR A 262 -3.07 32.03 -15.29
N LYS A 263 -3.07 30.81 -15.81
CA LYS A 263 -2.93 30.64 -17.25
C LYS A 263 -4.28 30.76 -17.92
N LEU A 264 -4.34 31.54 -19.00
CA LEU A 264 -5.61 31.82 -19.64
C LEU A 264 -6.35 30.54 -20.05
N VAL A 265 -5.63 29.49 -20.43
CA VAL A 265 -6.28 28.33 -21.04
C VAL A 265 -6.71 27.36 -19.95
N ALA A 266 -7.98 26.92 -20.03
CA ALA A 266 -8.53 26.04 -19.00
C ALA A 266 -7.72 24.77 -18.85
N ASN A 267 -7.27 24.19 -19.95
CA ASN A 267 -6.43 23.00 -19.89
C ASN A 267 -5.39 23.04 -21.00
N GLU A 268 -4.14 22.75 -20.61
CA GLU A 268 -3.02 22.68 -21.53
C GLU A 268 -2.03 21.65 -21.03
N SER A 269 -1.05 21.37 -21.89
CA SER A 269 0.15 20.64 -21.51
C SER A 269 1.37 21.45 -22.00
N VAL A 270 1.45 22.68 -21.49
CA VAL A 270 2.40 23.69 -21.97
C VAL A 270 3.80 23.42 -21.45
N PRO A 271 4.81 24.12 -21.97
CA PRO A 271 6.10 24.16 -21.29
C PRO A 271 6.05 25.04 -20.06
N PHE A 272 6.91 24.71 -19.09
CA PHE A 272 7.12 25.45 -17.86
C PHE A 272 5.89 25.52 -16.95
N GLU A 273 4.84 24.74 -17.21
CA GLU A 273 3.70 24.84 -16.30
C GLU A 273 4.08 24.28 -14.94
N THR A 274 3.70 25.02 -13.90
CA THR A 274 4.03 24.63 -12.53
C THR A 274 2.96 25.15 -11.60
N SER A 275 2.89 24.54 -10.43
CA SER A 275 2.03 25.03 -9.36
C SER A 275 2.72 26.19 -8.65
N CYS A 276 1.99 27.29 -8.51
CA CYS A 276 2.50 28.47 -7.81
C CYS A 276 1.64 28.64 -6.56
N ARG A 277 1.99 27.90 -5.52
CA ARG A 277 1.24 27.90 -4.26
C ARG A 277 2.03 28.70 -3.24
N TYR A 278 1.63 29.96 -3.05
CA TYR A 278 2.25 30.84 -2.07
C TYR A 278 2.22 30.22 -0.67
N MET A 279 1.03 29.80 -0.23
CA MET A 279 0.87 29.17 1.07
C MET A 279 0.15 27.84 0.92
N THR A 280 0.33 27.00 1.93
CA THR A 280 -0.44 25.77 2.11
C THR A 280 -1.07 25.82 3.48
N VAL A 281 -2.40 25.68 3.53
CA VAL A 281 -3.14 25.55 4.78
C VAL A 281 -3.66 24.12 4.85
N LEU A 282 -3.28 23.39 5.90
CA LEU A 282 -3.60 21.97 6.03
C LEU A 282 -4.49 21.75 7.25
N PHE A 283 -5.63 21.09 7.05
CA PHE A 283 -6.58 20.78 8.11
C PHE A 283 -6.57 19.28 8.38
N TYR A 284 -6.41 18.90 9.64
CA TYR A 284 -6.56 17.50 10.05
C TYR A 284 -8.03 17.24 10.36
N LEU A 285 -8.65 16.37 9.56
CA LEU A 285 -10.10 16.16 9.66
C LEU A 285 -10.47 15.08 10.66
N ASN A 286 -9.52 14.32 11.17
CA ASN A 286 -9.82 13.28 12.14
C ASN A 286 -8.54 12.96 12.91
N ASN A 287 -8.72 12.31 14.04
CA ASN A 287 -7.62 11.72 14.78
C ASN A 287 -7.21 10.40 14.13
N VAL A 288 -5.91 10.17 14.04
CA VAL A 288 -5.37 8.97 13.43
C VAL A 288 -4.94 8.02 14.52
N THR A 289 -5.42 6.77 14.46
CA THR A 289 -5.10 5.79 15.50
C THR A 289 -3.61 5.47 15.53
N GLY A 290 -2.96 5.42 14.36
CA GLY A 290 -1.55 5.11 14.30
C GLY A 290 -0.81 5.75 13.13
N GLY A 291 0.34 6.35 13.40
CA GLY A 291 1.12 6.98 12.33
C GLY A 291 0.40 8.20 11.76
N GLY A 292 0.60 8.42 10.46
CA GLY A 292 -0.09 9.48 9.75
C GLY A 292 0.44 10.88 9.98
N GLU A 293 1.61 11.04 10.59
CA GLU A 293 2.12 12.37 10.86
C GLU A 293 2.52 13.10 9.58
N THR A 294 2.59 14.42 9.67
CA THR A 294 3.21 15.25 8.65
C THR A 294 4.64 15.50 9.08
N VAL A 295 5.59 15.14 8.23
CA VAL A 295 7.01 15.29 8.54
C VAL A 295 7.58 16.42 7.72
N PHE A 296 8.34 17.30 8.37
CA PHE A 296 9.15 18.32 7.73
C PHE A 296 10.60 17.92 8.00
N PRO A 297 11.23 17.14 7.11
CA PRO A 297 12.48 16.47 7.49
C PRO A 297 13.62 17.40 7.86
N VAL A 298 13.64 18.64 7.33
CA VAL A 298 14.76 19.53 7.59
C VAL A 298 14.33 20.82 8.28
N ALA A 299 13.19 20.79 8.97
CA ALA A 299 12.68 21.98 9.66
C ALA A 299 13.74 22.59 10.59
N ASP A 300 13.98 23.89 10.42
CA ASP A 300 14.94 24.69 11.20
C ASP A 300 16.34 24.08 11.20
N ASN A 301 16.65 23.19 10.27
CA ASN A 301 18.02 22.70 10.15
C ASN A 301 18.96 23.85 9.79
N ARG A 302 20.18 23.77 10.31
CA ARG A 302 21.13 24.87 10.14
C ARG A 302 21.44 25.12 8.66
N THR A 303 21.62 24.06 7.89
CA THR A 303 21.85 24.17 6.45
C THR A 303 20.89 23.22 5.73
N TYR A 304 20.82 23.36 4.41
CA TYR A 304 20.09 22.46 3.54
C TYR A 304 21.08 21.81 2.59
N ASP A 305 21.27 20.51 2.72
CA ASP A 305 22.32 19.78 2.00
C ASP A 305 21.76 18.45 1.52
N GLU A 306 21.55 18.34 0.20
CA GLU A 306 21.06 17.09 -0.37
C GLU A 306 22.05 15.94 -0.20
N MET A 307 23.31 16.23 0.11
CA MET A 307 24.29 15.17 0.31
C MET A 307 23.96 14.36 1.56
N SER A 308 23.43 15.01 2.60
CA SER A 308 23.00 14.31 3.80
C SER A 308 21.50 14.01 3.80
N LEU A 309 20.71 14.71 3.00
CA LEU A 309 19.28 14.39 2.90
C LEU A 309 19.08 13.01 2.29
N ILE A 310 19.82 12.70 1.23
CA ILE A 310 19.70 11.44 0.52
C ILE A 310 21.03 10.70 0.67
N GLN A 311 21.00 9.59 1.38
CA GLN A 311 22.18 8.75 1.52
C GLN A 311 21.82 7.34 1.11
N ASP A 312 22.86 6.53 0.83
CA ASP A 312 22.62 5.17 0.37
C ASP A 312 21.74 4.39 1.33
N ASP A 313 21.94 4.58 2.63
CA ASP A 313 21.24 3.81 3.63
C ASP A 313 19.97 4.50 4.12
N VAL A 314 19.97 5.83 4.17
CA VAL A 314 18.84 6.58 4.71
C VAL A 314 18.50 7.70 3.72
N ASP A 315 17.30 7.63 3.16
CA ASP A 315 16.73 8.73 2.39
C ASP A 315 15.69 9.40 3.27
N LEU A 316 16.00 10.60 3.75
CA LEU A 316 15.08 11.31 4.65
C LEU A 316 13.78 11.72 3.97
N ARG A 317 13.68 11.58 2.65
CA ARG A 317 12.41 11.84 1.97
C ARG A 317 11.44 10.67 2.05
N ASP A 318 11.92 9.48 2.42
CA ASP A 318 11.07 8.30 2.51
C ASP A 318 10.25 8.39 3.79
N THR A 319 8.97 8.69 3.63
CA THR A 319 8.05 8.82 4.77
C THR A 319 7.39 7.51 5.13
N ARG A 320 7.80 6.41 4.50
CA ARG A 320 7.38 5.09 4.96
C ARG A 320 8.42 4.48 5.90
N ARG A 321 9.69 4.87 5.76
CA ARG A 321 10.77 4.31 6.56
C ARG A 321 11.36 5.28 7.57
N HIS A 322 11.44 6.58 7.27
CA HIS A 322 12.36 7.45 8.00
C HIS A 322 11.70 8.71 8.55
N CYS A 323 10.38 8.70 8.72
CA CYS A 323 9.70 9.73 9.50
C CYS A 323 10.40 10.00 10.83
N ASP A 324 10.75 8.94 11.56
CA ASP A 324 11.30 9.06 12.90
C ASP A 324 12.64 9.80 12.92
N LYS A 325 13.27 9.98 11.76
CA LYS A 325 14.56 10.65 11.66
C LYS A 325 14.46 12.09 11.17
N GLY A 326 13.27 12.54 10.77
CA GLY A 326 13.11 13.92 10.35
C GLY A 326 13.16 14.89 11.51
N ASN A 327 13.42 16.17 11.19
CA ASN A 327 13.64 17.16 12.22
C ASN A 327 12.37 17.45 13.01
N LEU A 328 11.22 17.44 12.35
CA LEU A 328 9.97 17.83 12.99
C LEU A 328 8.80 17.03 12.40
N ARG A 329 7.88 16.63 13.28
CA ARG A 329 6.65 15.93 12.91
C ARG A 329 5.46 16.63 13.55
N VAL A 330 4.36 16.67 12.83
CA VAL A 330 3.10 17.19 13.35
C VAL A 330 2.14 16.02 13.45
N LYS A 331 1.66 15.76 14.67
CA LYS A 331 0.72 14.66 14.89
C LYS A 331 -0.69 15.13 14.54
N PRO A 332 -1.40 14.42 13.65
CA PRO A 332 -2.75 14.85 13.28
C PRO A 332 -3.66 14.94 14.50
N GLN A 333 -4.43 16.03 14.56
CA GLN A 333 -5.39 16.26 15.62
C GLN A 333 -6.63 16.89 15.01
N GLN A 334 -7.78 16.28 15.27
CA GLN A 334 -9.01 16.71 14.63
C GLN A 334 -9.28 18.19 14.86
N GLY A 335 -9.46 18.93 13.77
CA GLY A 335 -9.75 20.35 13.82
C GLY A 335 -8.53 21.25 13.75
N THR A 336 -7.34 20.71 13.96
CA THR A 336 -6.13 21.53 13.92
C THR A 336 -5.80 21.91 12.48
N ALA A 337 -5.44 23.18 12.30
CA ALA A 337 -4.85 23.65 11.04
C ALA A 337 -3.38 23.93 11.26
N VAL A 338 -2.55 23.47 10.33
CA VAL A 338 -1.17 23.93 10.20
C VAL A 338 -1.03 24.59 8.85
N PHE A 339 -0.19 25.62 8.76
CA PHE A 339 0.01 26.31 7.50
C PHE A 339 1.42 26.86 7.44
N TRP A 340 1.91 27.03 6.22
CA TRP A 340 3.29 27.43 6.01
C TRP A 340 3.42 28.09 4.64
N TYR A 341 4.43 28.93 4.51
CA TYR A 341 4.76 29.58 3.25
C TYR A 341 5.69 28.68 2.45
N ASN A 342 5.43 28.54 1.14
CA ASN A 342 6.27 27.69 0.31
C ASN A 342 7.41 28.45 -0.35
N TYR A 343 7.40 29.77 -0.32
CA TYR A 343 8.43 30.60 -0.93
C TYR A 343 9.09 31.46 0.12
N LEU A 344 10.31 31.89 -0.17
CA LEU A 344 10.96 32.93 0.62
C LEU A 344 10.45 34.30 0.18
N PRO A 345 10.63 35.33 1.01
CA PRO A 345 10.37 36.69 0.53
C PRO A 345 11.37 37.05 -0.56
N ASP A 346 11.04 38.11 -1.31
CA ASP A 346 11.93 38.58 -2.35
C ASP A 346 12.63 39.88 -1.97
N GLY A 347 12.27 40.47 -0.82
CA GLY A 347 12.84 41.72 -0.36
C GLY A 347 12.00 42.93 -0.69
N GLN A 348 10.92 42.76 -1.46
CA GLN A 348 10.14 43.91 -1.88
C GLN A 348 8.63 43.68 -1.73
N GLY A 349 8.22 42.73 -0.90
CA GLY A 349 6.82 42.50 -0.67
C GLY A 349 6.15 41.52 -1.61
N TRP A 350 6.92 40.81 -2.43
CA TRP A 350 6.36 39.77 -3.30
C TRP A 350 7.04 38.43 -3.08
N VAL A 351 6.96 37.56 -4.07
CA VAL A 351 7.33 36.14 -3.94
C VAL A 351 8.76 35.95 -4.40
N GLY A 352 9.57 35.30 -3.58
CA GLY A 352 10.95 35.01 -3.89
C GLY A 352 11.14 33.58 -4.36
N ASP A 353 12.36 33.07 -4.17
CA ASP A 353 12.64 31.68 -4.49
C ASP A 353 11.84 30.75 -3.60
N VAL A 354 11.70 29.50 -4.05
CA VAL A 354 11.06 28.49 -3.23
C VAL A 354 11.90 28.24 -1.99
N ASP A 355 11.24 27.97 -0.87
CA ASP A 355 11.92 27.66 0.38
C ASP A 355 12.20 26.16 0.38
N ASP A 356 13.46 25.79 0.16
CA ASP A 356 13.83 24.37 0.15
C ASP A 356 13.43 23.67 1.44
N TYR A 357 13.40 24.39 2.56
CA TYR A 357 13.10 23.79 3.85
C TYR A 357 11.63 23.41 4.00
N SER A 358 10.75 23.88 3.12
CA SER A 358 9.34 23.51 3.15
C SER A 358 9.12 22.08 2.74
N LEU A 359 10.19 21.32 2.50
CA LEU A 359 10.08 19.90 2.21
C LEU A 359 9.20 19.21 3.26
N HIS A 360 8.22 18.45 2.81
CA HIS A 360 7.28 17.85 3.74
C HIS A 360 6.63 16.64 3.09
N GLY A 361 6.17 15.71 3.93
CA GLY A 361 5.47 14.54 3.42
C GLY A 361 4.44 14.05 4.40
N GLY A 362 3.66 13.05 3.94
CA GLY A 362 2.68 12.40 4.76
C GLY A 362 3.19 11.03 5.15
N CYS A 363 3.39 10.84 6.45
CA CYS A 363 4.00 9.64 6.98
C CYS A 363 3.06 8.44 6.87
N LEU A 364 3.64 7.25 6.89
CA LEU A 364 2.87 6.03 6.75
C LEU A 364 1.79 5.93 7.83
N VAL A 365 0.58 5.56 7.41
CA VAL A 365 -0.54 5.35 8.32
C VAL A 365 -0.53 3.90 8.75
N THR A 366 -0.34 3.66 10.04
CA THR A 366 -0.22 2.29 10.54
C THR A 366 -1.53 1.71 11.04
N ARG A 367 -2.45 2.52 11.57
CA ARG A 367 -3.75 2.03 12.01
C ARG A 367 -4.84 3.00 11.56
N GLY A 368 -5.84 2.49 10.86
CA GLY A 368 -7.00 3.31 10.54
C GLY A 368 -6.74 4.18 9.33
N THR A 369 -7.61 5.17 9.15
CA THR A 369 -7.50 6.08 8.01
C THR A 369 -7.17 7.49 8.50
N LYS A 370 -6.54 8.25 7.62
CA LYS A 370 -6.18 9.64 7.88
C LYS A 370 -6.88 10.51 6.84
N TRP A 371 -7.70 11.43 7.31
CA TRP A 371 -8.42 12.38 6.47
C TRP A 371 -7.84 13.76 6.67
N ILE A 372 -7.47 14.44 5.58
CA ILE A 372 -7.02 15.82 5.66
C ILE A 372 -7.60 16.62 4.51
N ALA A 373 -7.54 17.93 4.66
CA ALA A 373 -7.92 18.87 3.62
C ALA A 373 -6.82 19.92 3.52
N ASN A 374 -6.57 20.41 2.31
CA ASN A 374 -5.61 21.49 2.17
C ASN A 374 -6.14 22.59 1.26
N ASN A 375 -5.98 23.82 1.74
CA ASN A 375 -6.19 25.03 0.95
C ASN A 375 -4.84 25.51 0.44
N TRP A 376 -4.70 25.62 -0.87
CA TRP A 376 -3.52 26.20 -1.49
C TRP A 376 -3.84 27.63 -1.89
N ILE A 377 -3.02 28.57 -1.45
CA ILE A 377 -3.16 29.97 -1.84
C ILE A 377 -2.21 30.22 -3.00
N ASN A 378 -2.77 30.61 -4.14
CA ASN A 378 -2.00 30.75 -5.37
C ASN A 378 -1.64 32.21 -5.57
N VAL A 379 -0.35 32.48 -5.72
CA VAL A 379 0.15 33.79 -6.13
C VAL A 379 1.19 33.56 -7.23
N ASP A 380 1.02 34.23 -8.35
CA ASP A 380 2.03 34.17 -9.41
C ASP A 380 3.30 34.87 -8.96
N PRO A 381 4.47 34.24 -9.09
CA PRO A 381 5.72 34.92 -8.70
C PRO A 381 5.98 36.22 -9.44
N SER A 382 5.40 36.39 -10.63
CA SER A 382 5.49 37.66 -11.35
C SER A 382 4.30 38.50 -10.94
N ARG A 383 4.57 39.62 -10.27
CA ARG A 383 3.49 40.47 -9.79
C ARG A 383 2.65 41.01 -10.94
N ALA A 384 3.29 41.34 -12.06
CA ALA A 384 2.56 41.90 -13.19
C ALA A 384 1.64 40.87 -13.82
N ARG A 385 2.10 39.62 -13.93
CA ARG A 385 1.26 38.56 -14.47
C ARG A 385 0.07 38.28 -13.55
N GLN A 386 0.29 38.26 -12.24
CA GLN A 386 -0.81 38.07 -11.30
C GLN A 386 -1.80 39.22 -11.40
N ALA A 387 -1.30 40.46 -11.56
CA ALA A 387 -2.18 41.62 -11.68
C ALA A 387 -3.11 41.48 -12.89
N LEU A 388 -2.58 41.04 -14.02
CA LEU A 388 -3.41 40.90 -15.22
C LEU A 388 -4.44 39.79 -15.07
N PHE A 389 -4.12 38.77 -14.25
CA PHE A 389 -5.04 37.66 -14.04
C PHE A 389 -6.20 38.05 -13.14
N GLN A 390 -5.94 38.86 -12.11
CA GLN A 390 -6.99 39.21 -11.16
C GLN A 390 -8.00 40.16 -11.78
N GLN A 391 -7.54 41.33 -12.22
CA GLN A 391 -8.47 42.34 -12.69
C GLN A 391 -9.18 41.96 -13.99
N GLU A 392 -8.75 40.89 -14.67
CA GLU A 392 -9.56 40.39 -15.78
C GLU A 392 -10.50 39.27 -15.34
N MET A 393 -10.11 38.47 -14.34
CA MET A 393 -11.08 37.56 -13.75
C MET A 393 -12.29 38.33 -13.22
N ALA A 394 -12.09 39.58 -12.82
CA ALA A 394 -13.20 40.47 -12.51
C ALA A 394 -13.88 41.02 -13.76
N ARG A 395 -13.11 41.20 -14.84
CA ARG A 395 -13.72 41.62 -16.10
C ARG A 395 -14.77 40.62 -16.57
N LEU A 396 -14.51 39.32 -16.39
CA LEU A 396 -15.42 38.31 -16.94
C LEU A 396 -16.66 38.13 -16.09
N ALA A 397 -16.57 38.40 -14.78
CA ALA A 397 -17.75 38.41 -13.94
C ALA A 397 -18.74 39.49 -14.40
N ARG A 398 -18.21 40.67 -14.75
CA ARG A 398 -19.05 41.74 -15.30
C ARG A 398 -19.60 41.36 -16.67
N GLU A 399 -18.72 40.87 -17.56
CA GLU A 399 -19.14 40.51 -18.90
C GLU A 399 -20.07 39.29 -18.89
N GLY A 400 -19.81 38.33 -18.00
CA GLY A 400 -20.64 37.15 -17.89
C GLY A 400 -21.54 37.16 -16.66
N LEU B 27 -7.87 -45.73 -6.12
CA LEU B 27 -6.42 -45.84 -6.22
C LEU B 27 -5.76 -45.89 -4.84
N GLY B 28 -4.43 -45.97 -4.84
CA GLY B 28 -3.68 -46.18 -3.63
C GLY B 28 -3.86 -45.10 -2.58
N PRO B 29 -3.52 -45.42 -1.34
CA PRO B 29 -3.67 -44.42 -0.27
C PRO B 29 -2.66 -43.30 -0.40
N LEU B 30 -3.10 -42.08 -0.09
CA LEU B 30 -2.23 -40.92 -0.17
C LEU B 30 -1.17 -40.99 0.93
N THR B 31 0.09 -40.97 0.52
CA THR B 31 1.18 -40.97 1.49
C THR B 31 1.22 -39.62 2.19
N ARG B 32 1.12 -39.65 3.52
CA ARG B 32 1.19 -38.46 4.36
C ARG B 32 2.42 -38.60 5.25
N LEU B 33 3.38 -37.70 5.07
CA LEU B 33 4.62 -37.80 5.82
C LEU B 33 4.37 -37.62 7.32
N GLU B 34 5.22 -38.25 8.12
CA GLU B 34 5.11 -38.21 9.57
C GLU B 34 6.01 -37.10 10.12
N GLY B 35 5.41 -36.17 10.86
CA GLY B 35 6.20 -35.10 11.46
C GLY B 35 7.03 -35.57 12.64
N ILE B 36 6.59 -36.62 13.32
CA ILE B 36 7.30 -37.28 14.43
C ILE B 36 7.29 -36.37 15.65
N LYS B 37 8.00 -35.25 15.57
CA LYS B 37 7.97 -34.22 16.60
C LYS B 37 8.55 -32.95 16.00
N VAL B 38 8.25 -31.82 16.66
CA VAL B 38 8.78 -30.54 16.20
C VAL B 38 10.31 -30.57 16.29
N GLY B 39 10.96 -30.11 15.22
CA GLY B 39 12.41 -30.12 15.13
C GLY B 39 13.00 -31.39 14.59
N HIS B 40 12.20 -32.44 14.40
CA HIS B 40 12.72 -33.66 13.78
C HIS B 40 13.22 -33.36 12.38
N GLU B 41 14.45 -33.77 12.11
CA GLU B 41 15.09 -33.57 10.81
C GLU B 41 15.46 -34.91 10.22
N ARG B 42 15.09 -35.13 8.96
CA ARG B 42 15.41 -36.36 8.27
C ARG B 42 16.03 -36.05 6.91
N LYS B 43 17.05 -36.82 6.56
CA LYS B 43 17.70 -36.72 5.26
C LYS B 43 16.79 -37.26 4.17
N VAL B 44 16.75 -36.55 3.05
CA VAL B 44 16.00 -37.00 1.88
C VAL B 44 16.84 -36.72 0.64
N GLN B 45 16.75 -37.61 -0.34
CA GLN B 45 17.50 -37.49 -1.58
C GLN B 45 16.52 -37.18 -2.71
N LEU B 46 16.56 -35.94 -3.21
CA LEU B 46 15.73 -35.52 -4.32
C LEU B 46 16.52 -35.25 -5.59
N VAL B 47 17.80 -34.91 -5.47
CA VAL B 47 18.73 -34.83 -6.58
C VAL B 47 19.92 -35.71 -6.26
N THR B 48 20.66 -36.12 -7.29
CA THR B 48 21.84 -36.94 -7.06
C THR B 48 23.07 -36.11 -6.73
N ASP B 49 23.02 -34.79 -6.96
CA ASP B 49 24.13 -33.93 -6.57
C ASP B 49 24.33 -33.94 -5.06
N ARG B 50 23.34 -33.43 -4.34
CA ARG B 50 23.51 -33.09 -2.93
C ARG B 50 22.48 -33.81 -2.06
N ASP B 51 22.48 -33.45 -0.78
CA ASP B 51 21.56 -33.96 0.20
C ASP B 51 20.61 -32.86 0.64
N HIS B 52 19.36 -33.23 0.87
CA HIS B 52 18.37 -32.32 1.44
C HIS B 52 17.96 -32.82 2.81
N PHE B 53 17.38 -31.91 3.60
CA PHE B 53 16.98 -32.22 4.96
C PHE B 53 15.59 -31.65 5.21
N ILE B 54 14.64 -32.52 5.54
CA ILE B 54 13.28 -32.11 5.87
C ILE B 54 13.19 -31.93 7.37
N ARG B 55 12.84 -30.72 7.80
CA ARG B 55 12.69 -30.39 9.21
C ARG B 55 11.22 -30.16 9.51
N THR B 56 10.72 -30.82 10.54
CA THR B 56 9.34 -30.64 10.98
C THR B 56 9.22 -29.32 11.72
N LEU B 57 8.32 -28.45 11.25
CA LEU B 57 8.09 -27.17 11.92
C LEU B 57 6.92 -27.21 12.90
N SER B 58 5.89 -28.00 12.61
CA SER B 58 4.75 -28.16 13.50
C SER B 58 3.99 -29.40 13.07
N LEU B 59 3.12 -29.88 13.95
CA LEU B 59 2.24 -31.01 13.66
C LEU B 59 0.81 -30.58 13.40
N LYS B 60 0.39 -29.46 13.98
CA LYS B 60 -0.89 -28.82 13.66
C LYS B 60 -0.60 -27.40 13.16
N PRO B 61 -0.60 -27.17 11.84
CA PRO B 61 -0.75 -28.17 10.79
C PRO B 61 0.54 -28.98 10.59
N LEU B 62 0.48 -30.00 9.75
CA LEU B 62 1.67 -30.81 9.45
C LEU B 62 2.53 -30.02 8.48
N LEU B 63 3.62 -29.43 8.99
CA LEU B 63 4.36 -28.39 8.28
C LEU B 63 5.85 -28.71 8.29
N PHE B 64 6.46 -28.74 7.11
CA PHE B 64 7.86 -29.09 6.94
C PHE B 64 8.64 -27.98 6.25
N GLU B 65 9.95 -27.99 6.45
CA GLU B 65 10.84 -27.02 5.82
C GLU B 65 12.04 -27.74 5.22
N ILE B 66 12.38 -27.41 3.98
CA ILE B 66 13.55 -27.97 3.31
C ILE B 66 14.45 -26.84 2.82
N PRO B 67 15.55 -26.54 3.50
CA PRO B 67 16.47 -25.51 3.00
C PRO B 67 17.10 -25.92 1.68
N GLY B 68 17.37 -24.93 0.84
CA GLY B 68 18.06 -25.16 -0.42
C GLY B 68 17.33 -26.08 -1.38
N PHE B 69 16.00 -26.18 -1.27
CA PHE B 69 15.24 -27.02 -2.19
C PHE B 69 15.48 -26.59 -3.64
N LEU B 70 15.62 -25.29 -3.88
CA LEU B 70 15.89 -24.76 -5.20
C LEU B 70 17.26 -24.08 -5.22
N THR B 71 17.92 -24.15 -6.37
CA THR B 71 19.19 -23.45 -6.50
C THR B 71 18.94 -21.95 -6.63
N ASP B 72 19.99 -21.18 -6.35
CA ASP B 72 19.88 -19.73 -6.53
C ASP B 72 19.60 -19.39 -7.99
N GLU B 73 20.05 -20.24 -8.93
CA GLU B 73 19.79 -19.97 -10.35
C GLU B 73 18.32 -20.22 -10.71
N GLU B 74 17.69 -21.22 -10.09
CA GLU B 74 16.28 -21.51 -10.42
C GLU B 74 15.34 -20.47 -9.84
N CYS B 75 15.60 -19.98 -8.62
CA CYS B 75 14.82 -18.84 -8.13
C CYS B 75 14.95 -17.64 -9.06
N ARG B 76 16.17 -17.36 -9.55
CA ARG B 76 16.32 -16.26 -10.50
C ARG B 76 15.57 -16.52 -11.80
N LEU B 77 15.50 -17.78 -12.23
CA LEU B 77 14.81 -18.10 -13.48
C LEU B 77 13.30 -18.00 -13.30
N ILE B 78 12.77 -18.46 -12.16
CA ILE B 78 11.32 -18.37 -11.93
C ILE B 78 10.88 -16.93 -11.86
N ILE B 79 11.68 -16.08 -11.20
CA ILE B 79 11.39 -14.65 -11.14
C ILE B 79 11.48 -14.04 -12.54
N HIS B 80 12.59 -14.33 -13.25
CA HIS B 80 12.78 -13.81 -14.60
C HIS B 80 11.65 -14.25 -15.54
N LEU B 81 11.22 -15.51 -15.42
CA LEU B 81 10.15 -16.01 -16.28
C LEU B 81 8.84 -15.29 -16.00
N ALA B 82 8.49 -15.17 -14.71
CA ALA B 82 7.23 -14.53 -14.34
C ALA B 82 7.21 -13.07 -14.80
N GLN B 83 8.35 -12.39 -14.70
CA GLN B 83 8.40 -10.98 -15.09
C GLN B 83 8.08 -10.80 -16.57
N MET B 84 8.56 -11.72 -17.41
CA MET B 84 8.33 -11.60 -18.86
C MET B 84 6.87 -11.81 -19.19
N LYS B 85 6.25 -12.83 -18.60
CA LYS B 85 4.83 -13.08 -18.82
C LYS B 85 4.00 -11.89 -18.37
N GLY B 86 4.48 -11.13 -17.40
CA GLY B 86 3.72 -10.02 -16.86
C GLY B 86 2.83 -10.44 -15.72
N LEU B 87 2.88 -9.69 -14.62
CA LEU B 87 2.08 -10.01 -13.44
C LEU B 87 0.75 -9.25 -13.48
N GLN B 88 -0.25 -9.84 -12.84
CA GLN B 88 -1.54 -9.21 -12.67
C GLN B 88 -1.83 -9.04 -11.19
N ARG B 89 -2.64 -8.03 -10.88
CA ARG B 89 -3.10 -7.82 -9.52
C ARG B 89 -3.79 -9.07 -8.98
N SER B 90 -3.42 -9.47 -7.77
CA SER B 90 -3.88 -10.75 -7.25
C SER B 90 -5.37 -10.73 -6.91
N GLN B 91 -5.82 -9.70 -6.20
CA GLN B 91 -7.24 -9.53 -5.89
C GLN B 91 -7.74 -8.25 -6.54
N ILE B 92 -8.82 -8.34 -7.32
CA ILE B 92 -9.42 -7.15 -7.89
C ILE B 92 -10.23 -6.42 -6.83
N LEU B 93 -10.33 -5.10 -6.97
CA LEU B 93 -11.07 -4.30 -6.00
C LEU B 93 -12.57 -4.51 -6.18
N PRO B 94 -13.33 -4.60 -5.09
CA PRO B 94 -14.76 -4.92 -5.20
C PRO B 94 -15.54 -3.87 -5.97
N THR B 95 -16.66 -4.31 -6.53
CA THR B 95 -17.56 -3.46 -7.31
C THR B 95 -18.20 -2.39 -6.43
N VAL B 107 -30.82 -12.15 4.78
CA VAL B 107 -32.26 -12.23 4.75
C VAL B 107 -32.74 -10.97 5.48
N SER B 108 -33.34 -11.10 6.66
CA SER B 108 -33.75 -9.88 7.37
C SER B 108 -32.55 -9.29 8.14
N GLN B 109 -32.85 -8.31 9.01
CA GLN B 109 -31.84 -7.81 9.95
C GLN B 109 -31.73 -8.71 11.16
N LEU B 110 -32.87 -9.20 11.64
CA LEU B 110 -32.89 -10.13 12.76
C LEU B 110 -32.45 -11.54 12.36
N ASP B 111 -32.60 -11.92 11.07
CA ASP B 111 -31.84 -13.04 10.54
C ASP B 111 -30.36 -12.79 10.70
N LEU B 112 -29.92 -11.56 10.43
CA LEU B 112 -28.51 -11.22 10.45
C LEU B 112 -27.96 -11.05 11.87
N PHE B 113 -28.74 -10.41 12.74
CA PHE B 113 -28.27 -10.15 14.10
C PHE B 113 -27.94 -11.45 14.83
N ARG B 114 -28.93 -12.35 14.96
CA ARG B 114 -28.70 -13.56 15.72
C ARG B 114 -27.63 -14.44 15.09
N LEU B 115 -27.37 -14.28 13.78
CA LEU B 115 -26.31 -15.05 13.14
C LEU B 115 -24.92 -14.52 13.51
N LEU B 116 -24.82 -13.22 13.78
CA LEU B 116 -23.53 -12.65 14.19
C LEU B 116 -23.36 -12.62 15.70
N ASP B 117 -24.44 -12.37 16.45
CA ASP B 117 -24.38 -12.43 17.90
C ASP B 117 -24.01 -13.85 18.34
N GLN B 118 -22.73 -14.19 18.22
CA GLN B 118 -22.31 -15.57 18.44
C GLN B 118 -22.34 -15.95 19.92
N ASN B 119 -22.11 -14.99 20.81
CA ASN B 119 -22.20 -15.25 22.24
C ASN B 119 -23.61 -15.02 22.79
N ARG B 120 -24.56 -14.65 21.93
CA ARG B 120 -25.98 -14.56 22.27
C ARG B 120 -26.23 -13.63 23.46
N ASP B 121 -25.50 -12.50 23.50
CA ASP B 121 -25.66 -11.53 24.57
C ASP B 121 -26.45 -10.31 24.13
N GLY B 122 -27.16 -10.39 23.01
CA GLY B 122 -27.95 -9.27 22.54
C GLY B 122 -27.14 -8.07 22.13
N HIS B 123 -25.88 -8.27 21.74
CA HIS B 123 -25.01 -7.20 21.30
C HIS B 123 -24.13 -7.71 20.16
N LEU B 124 -23.67 -6.78 19.34
CA LEU B 124 -22.70 -7.06 18.28
C LEU B 124 -21.38 -6.45 18.71
N GLN B 125 -20.52 -7.28 19.31
CA GLN B 125 -19.16 -6.84 19.59
C GLN B 125 -18.37 -6.71 18.30
N LEU B 126 -17.31 -5.91 18.35
CA LEU B 126 -16.49 -5.72 17.14
C LEU B 126 -15.94 -7.05 16.64
N ARG B 127 -15.52 -7.92 17.57
CA ARG B 127 -14.97 -9.21 17.17
C ARG B 127 -16.00 -10.05 16.43
N GLU B 128 -17.29 -9.87 16.73
CA GLU B 128 -18.33 -10.63 16.04
C GLU B 128 -18.56 -10.12 14.63
N VAL B 129 -18.38 -8.82 14.40
CA VAL B 129 -18.44 -8.30 13.04
C VAL B 129 -17.18 -8.69 12.27
N LEU B 130 -16.01 -8.66 12.93
CA LEU B 130 -14.77 -9.06 12.28
C LEU B 130 -14.77 -10.54 11.91
N ALA B 131 -15.51 -11.36 12.67
CA ALA B 131 -15.53 -12.79 12.41
C ALA B 131 -16.11 -13.13 11.04
N GLN B 132 -16.85 -12.22 10.43
CA GLN B 132 -17.51 -12.45 9.14
C GLN B 132 -16.91 -11.51 8.11
N THR B 133 -15.70 -11.84 7.64
CA THR B 133 -15.01 -10.98 6.68
C THR B 133 -15.70 -10.97 5.33
N ARG B 134 -16.49 -11.99 5.00
CA ARG B 134 -17.22 -11.99 3.73
C ARG B 134 -18.10 -10.75 3.59
N LEU B 135 -18.51 -10.14 4.71
CA LEU B 135 -19.33 -8.93 4.63
C LEU B 135 -18.54 -7.76 4.07
N GLY B 136 -17.22 -7.74 4.28
CA GLY B 136 -16.37 -6.73 3.66
C GLY B 136 -16.33 -6.83 2.15
N ASN B 137 -16.72 -7.98 1.60
CA ASN B 137 -16.83 -8.17 0.15
C ASN B 137 -15.51 -7.81 -0.54
N GLY B 138 -14.40 -8.31 0.01
CA GLY B 138 -13.08 -8.12 -0.55
C GLY B 138 -12.20 -7.17 0.23
N TRP B 139 -12.80 -6.16 0.87
CA TRP B 139 -12.05 -5.31 1.77
C TRP B 139 -11.74 -6.06 3.05
N TRP B 140 -10.59 -5.77 3.64
CA TRP B 140 -10.25 -6.27 4.95
C TRP B 140 -10.84 -5.35 6.01
N MET B 141 -11.54 -5.94 6.96
CA MET B 141 -12.17 -5.18 8.03
C MET B 141 -11.22 -5.11 9.22
N THR B 142 -11.12 -3.93 9.83
CA THR B 142 -10.38 -3.74 11.06
C THR B 142 -11.32 -3.10 12.08
N PRO B 143 -10.96 -3.08 13.38
CA PRO B 143 -11.78 -2.31 14.33
C PRO B 143 -11.94 -0.86 13.92
N GLU B 144 -10.87 -0.26 13.37
CA GLU B 144 -10.91 1.15 13.00
C GLU B 144 -11.80 1.39 11.77
N SER B 145 -11.78 0.45 10.83
CA SER B 145 -12.59 0.60 9.62
C SER B 145 -14.07 0.39 9.90
N ILE B 146 -14.40 -0.57 10.77
CA ILE B 146 -15.79 -0.77 11.17
C ILE B 146 -16.31 0.46 11.92
N GLN B 147 -15.52 0.95 12.88
CA GLN B 147 -15.96 2.10 13.66
C GLN B 147 -15.99 3.37 12.81
N GLU B 148 -15.13 3.45 11.79
CA GLU B 148 -15.21 4.55 10.83
C GLU B 148 -16.51 4.49 10.04
N MET B 149 -16.92 3.29 9.66
CA MET B 149 -18.17 3.13 8.92
C MET B 149 -19.37 3.41 9.80
N TYR B 150 -19.34 2.96 11.07
CA TYR B 150 -20.42 3.28 12.02
C TYR B 150 -20.66 4.77 12.09
N ALA B 151 -19.59 5.55 12.28
CA ALA B 151 -19.75 7.00 12.43
C ALA B 151 -20.22 7.65 11.15
N ALA B 152 -19.91 7.07 9.99
CA ALA B 152 -20.34 7.62 8.71
C ALA B 152 -21.85 7.54 8.56
N ILE B 153 -22.41 6.35 8.76
CA ILE B 153 -23.84 6.16 8.70
C ILE B 153 -24.49 6.32 10.08
N LYS B 154 -23.72 6.77 11.07
CA LYS B 154 -24.23 7.00 12.44
C LYS B 154 -25.03 5.79 12.96
N ALA B 155 -24.40 4.63 12.93
CA ALA B 155 -24.99 3.45 13.54
C ALA B 155 -24.74 3.37 15.03
N ASP B 156 -23.71 4.04 15.53
CA ASP B 156 -23.31 3.94 16.93
C ASP B 156 -23.47 5.29 17.60
N PRO B 157 -24.65 5.61 18.15
CA PRO B 157 -24.80 6.89 18.87
C PRO B 157 -23.90 7.00 20.10
N ASP B 158 -23.89 5.97 20.95
CA ASP B 158 -23.03 5.99 22.13
C ASP B 158 -21.56 5.79 21.80
N GLY B 159 -21.26 5.29 20.60
CA GLY B 159 -19.88 5.19 20.15
C GLY B 159 -19.01 4.23 20.93
N ASP B 160 -19.60 3.22 21.59
CA ASP B 160 -18.81 2.26 22.32
C ASP B 160 -18.21 1.18 21.42
N GLY B 161 -18.50 1.20 20.13
CA GLY B 161 -18.04 0.17 19.21
C GLY B 161 -18.90 -1.06 19.16
N VAL B 162 -19.96 -1.14 19.98
CA VAL B 162 -20.86 -2.28 20.03
C VAL B 162 -22.21 -1.87 19.47
N LEU B 163 -22.81 -2.75 18.68
CA LEU B 163 -24.12 -2.50 18.07
C LEU B 163 -25.16 -3.30 18.85
N SER B 164 -25.87 -2.63 19.75
CA SER B 164 -26.99 -3.23 20.46
C SER B 164 -28.05 -3.70 19.47
N LEU B 165 -28.95 -4.57 19.96
CA LEU B 165 -30.10 -4.95 19.14
C LEU B 165 -30.93 -3.73 18.77
N GLN B 166 -31.17 -2.85 19.75
CA GLN B 166 -31.76 -1.55 19.46
C GLN B 166 -30.99 -0.84 18.35
N GLU B 167 -29.72 -0.54 18.59
CA GLU B 167 -28.91 0.14 17.59
C GLU B 167 -28.94 -0.58 16.24
N PHE B 168 -28.97 -1.92 16.25
CA PHE B 168 -28.87 -2.68 15.01
C PHE B 168 -30.17 -2.72 14.21
N SER B 169 -31.33 -2.49 14.83
CA SER B 169 -32.60 -2.42 14.11
C SER B 169 -33.06 -1.00 13.81
N ASN B 170 -32.68 -0.03 14.63
CA ASN B 170 -32.71 1.37 14.21
C ASN B 170 -31.84 1.62 12.99
N MET B 171 -31.07 0.63 12.58
CA MET B 171 -30.26 0.60 11.37
C MET B 171 -31.11 0.69 10.10
N ASP B 172 -30.44 0.66 8.95
CA ASP B 172 -31.08 0.41 7.65
C ASP B 172 -29.98 -0.02 6.69
N LEU B 173 -30.13 -1.20 6.11
CA LEU B 173 -29.05 -1.85 5.37
C LEU B 173 -28.74 -1.16 4.05
N ARG B 174 -29.64 -0.29 3.57
CA ARG B 174 -29.38 0.50 2.37
C ARG B 174 -28.14 1.36 2.54
N ASP B 175 -28.10 2.13 3.63
CA ASP B 175 -27.00 3.04 3.87
C ASP B 175 -25.68 2.28 3.92
N PHE B 176 -25.64 1.19 4.68
CA PHE B 176 -24.46 0.35 4.70
C PHE B 176 -24.11 -0.14 3.30
N HIS B 177 -25.12 -0.52 2.51
CA HIS B 177 -24.86 -0.98 1.14
C HIS B 177 -24.22 0.12 0.30
N LYS B 178 -24.71 1.36 0.43
CA LYS B 178 -24.17 2.44 -0.40
C LYS B 178 -22.86 2.97 0.15
N TYR B 179 -22.59 2.77 1.44
CA TYR B 179 -21.25 3.02 1.94
C TYR B 179 -20.24 2.12 1.25
N MET B 180 -20.58 0.83 1.12
CA MET B 180 -19.73 -0.09 0.36
C MET B 180 -19.74 0.27 -1.13
N ARG B 181 -20.90 0.73 -1.64
CA ARG B 181 -20.95 1.28 -2.98
C ARG B 181 -19.82 2.30 -3.18
N SER B 182 -19.78 3.32 -2.32
CA SER B 182 -18.90 4.47 -2.51
C SER B 182 -17.48 4.24 -2.01
N HIS B 183 -17.24 3.14 -1.28
CA HIS B 183 -15.94 2.94 -0.64
C HIS B 183 -14.84 2.73 -1.68
N LYS B 184 -13.88 3.64 -1.71
CA LYS B 184 -12.67 3.52 -2.50
C LYS B 184 -11.49 3.52 -1.55
N ALA B 185 -10.64 2.49 -1.63
CA ALA B 185 -9.55 2.32 -0.69
C ALA B 185 -8.39 1.63 -1.37
N GLU B 186 -7.23 1.65 -0.71
CA GLU B 186 -5.99 1.16 -1.29
C GLU B 186 -5.93 -0.37 -1.26
N SER B 187 -4.99 -0.91 -2.04
CA SER B 187 -4.79 -2.36 -2.04
C SER B 187 -4.30 -2.86 -0.69
N SER B 188 -3.61 -2.02 0.09
CA SER B 188 -3.24 -2.40 1.45
C SER B 188 -4.44 -2.55 2.39
N GLU B 189 -5.66 -2.23 1.94
CA GLU B 189 -6.86 -2.46 2.73
C GLU B 189 -7.65 -3.65 2.23
N LEU B 190 -7.11 -4.40 1.28
CA LEU B 190 -7.73 -5.62 0.80
C LEU B 190 -7.24 -6.82 1.58
N VAL B 191 -7.94 -7.95 1.39
CA VAL B 191 -7.50 -9.21 1.99
C VAL B 191 -6.15 -9.63 1.43
N ARG B 192 -6.02 -9.63 0.10
CA ARG B 192 -4.81 -10.03 -0.60
C ARG B 192 -4.25 -8.83 -1.35
N ASN B 193 -2.98 -8.52 -1.08
CA ASN B 193 -2.33 -7.31 -1.59
C ASN B 193 -1.01 -7.73 -2.27
N SER B 194 -1.10 -8.20 -3.51
CA SER B 194 0.08 -8.63 -4.25
C SER B 194 -0.26 -8.67 -5.73
N HIS B 195 0.73 -9.07 -6.54
CA HIS B 195 0.57 -9.36 -7.96
C HIS B 195 1.08 -10.78 -8.23
N HIS B 196 0.57 -11.40 -9.29
CA HIS B 196 0.98 -12.78 -9.55
C HIS B 196 0.67 -13.17 -10.99
N THR B 197 1.23 -14.30 -11.39
CA THR B 197 0.90 -14.98 -12.65
C THR B 197 1.25 -16.46 -12.50
N TRP B 198 1.03 -17.22 -13.57
CA TRP B 198 1.15 -18.67 -13.55
C TRP B 198 2.15 -19.13 -14.61
N LEU B 199 2.97 -20.11 -14.26
CA LEU B 199 3.95 -20.69 -15.16
C LEU B 199 3.65 -22.17 -15.36
N TYR B 200 3.59 -22.59 -16.62
N TYR B 200 3.57 -22.56 -16.64
CA TYR B 200 3.19 -23.95 -16.95
CA TYR B 200 3.26 -23.94 -17.01
C TYR B 200 4.37 -24.91 -16.83
C TYR B 200 4.43 -24.85 -16.68
N GLN B 201 4.10 -26.10 -16.31
CA GLN B 201 5.13 -27.09 -16.02
C GLN B 201 4.94 -28.41 -16.77
N GLY B 202 3.93 -28.51 -17.64
CA GLY B 202 3.70 -29.74 -18.37
C GLY B 202 4.69 -29.96 -19.49
N GLU B 203 4.40 -30.89 -20.38
CA GLU B 203 5.33 -31.20 -21.45
C GLU B 203 5.47 -30.00 -22.40
N GLY B 204 6.70 -29.79 -22.88
CA GLY B 204 7.01 -28.63 -23.68
C GLY B 204 7.48 -27.42 -22.90
N ALA B 205 7.38 -27.44 -21.58
CA ALA B 205 7.80 -26.30 -20.77
C ALA B 205 9.32 -26.28 -20.62
N HIS B 206 9.82 -25.20 -19.99
CA HIS B 206 11.25 -25.06 -19.77
C HIS B 206 11.79 -26.25 -18.98
N HIS B 207 12.98 -26.72 -19.37
CA HIS B 207 13.49 -27.95 -18.78
C HIS B 207 13.76 -27.80 -17.28
N ILE B 208 14.15 -26.61 -16.83
CA ILE B 208 14.30 -26.37 -15.40
C ILE B 208 12.96 -26.52 -14.69
N MET B 209 11.87 -26.11 -15.37
CA MET B 209 10.56 -26.06 -14.72
C MET B 209 10.07 -27.46 -14.34
N ARG B 210 9.93 -28.35 -15.32
CA ARG B 210 9.42 -29.68 -15.00
C ARG B 210 10.40 -30.49 -14.15
N ALA B 211 11.68 -30.13 -14.17
CA ALA B 211 12.62 -30.72 -13.21
C ALA B 211 12.25 -30.35 -11.78
N ILE B 212 11.67 -29.16 -11.59
CA ILE B 212 11.13 -28.81 -10.28
C ILE B 212 9.88 -29.64 -10.00
N ARG B 213 9.03 -29.84 -11.02
CA ARG B 213 7.84 -30.65 -10.83
C ARG B 213 8.19 -32.07 -10.42
N GLN B 214 9.21 -32.65 -11.07
CA GLN B 214 9.66 -33.98 -10.68
C GLN B 214 10.24 -33.98 -9.27
N ARG B 215 11.01 -32.95 -8.93
CA ARG B 215 11.55 -32.85 -7.59
C ARG B 215 10.45 -32.77 -6.55
N VAL B 216 9.37 -32.04 -6.87
CA VAL B 216 8.22 -31.99 -5.97
C VAL B 216 7.57 -33.36 -5.85
N LEU B 217 7.48 -34.09 -6.97
CA LEU B 217 6.85 -35.41 -6.96
C LEU B 217 7.60 -36.37 -6.05
N ARG B 218 8.93 -36.47 -6.23
CA ARG B 218 9.73 -37.33 -5.36
C ARG B 218 9.64 -36.89 -3.90
N LEU B 219 9.43 -35.60 -3.65
CA LEU B 219 9.31 -35.13 -2.27
C LEU B 219 7.99 -35.57 -1.65
N THR B 220 6.89 -35.39 -2.38
CA THR B 220 5.57 -35.69 -1.81
C THR B 220 5.28 -37.18 -1.76
N ARG B 221 5.97 -37.98 -2.60
CA ARG B 221 5.75 -39.43 -2.66
C ARG B 221 4.36 -39.76 -3.16
N LEU B 222 3.85 -38.98 -4.11
CA LEU B 222 2.48 -39.08 -4.59
C LEU B 222 2.44 -39.57 -6.04
N SER B 223 1.22 -39.87 -6.48
CA SER B 223 1.03 -40.44 -7.81
C SER B 223 1.31 -39.38 -8.87
N PRO B 224 2.10 -39.72 -9.90
CA PRO B 224 2.31 -38.77 -11.01
C PRO B 224 1.03 -38.27 -11.62
N GLU B 225 -0.05 -39.05 -11.55
CA GLU B 225 -1.36 -38.57 -11.98
C GLU B 225 -1.79 -37.36 -11.17
N ILE B 226 -1.61 -37.42 -9.85
CA ILE B 226 -2.13 -36.36 -8.99
C ILE B 226 -1.32 -35.08 -9.18
N VAL B 227 0.01 -35.21 -9.31
CA VAL B 227 0.86 -34.02 -9.38
C VAL B 227 0.69 -33.30 -10.72
N GLU B 228 0.85 -34.02 -11.83
CA GLU B 228 0.84 -33.38 -13.13
C GLU B 228 -0.55 -32.94 -13.56
N LEU B 229 -1.59 -33.22 -12.79
CA LEU B 229 -2.94 -32.78 -13.13
C LEU B 229 -3.44 -31.67 -12.21
N SER B 230 -2.57 -31.12 -11.38
CA SER B 230 -2.92 -30.03 -10.48
C SER B 230 -2.51 -28.69 -11.07
N GLU B 231 -2.83 -27.61 -10.35
CA GLU B 231 -2.73 -26.27 -10.89
C GLU B 231 -1.30 -25.95 -11.31
N PRO B 232 -1.12 -25.06 -12.29
CA PRO B 232 0.22 -24.61 -12.64
C PRO B 232 0.86 -23.82 -11.51
N LEU B 233 2.19 -23.74 -11.55
CA LEU B 233 2.93 -23.03 -10.52
C LEU B 233 2.56 -21.55 -10.49
N GLN B 234 2.28 -21.03 -9.30
CA GLN B 234 1.94 -19.62 -9.12
C GLN B 234 3.16 -18.87 -8.62
N VAL B 235 3.48 -17.76 -9.26
CA VAL B 235 4.58 -16.90 -8.84
C VAL B 235 3.97 -15.58 -8.36
N VAL B 236 4.27 -15.21 -7.12
CA VAL B 236 3.68 -14.04 -6.48
C VAL B 236 4.78 -13.04 -6.16
N ARG B 237 4.54 -11.78 -6.51
CA ARG B 237 5.39 -10.68 -6.09
C ARG B 237 4.66 -9.84 -5.05
N TYR B 238 5.24 -9.75 -3.85
CA TYR B 238 4.81 -8.80 -2.82
C TYR B 238 5.72 -7.59 -2.91
N GLY B 239 5.16 -6.45 -3.34
CA GLY B 239 5.90 -5.20 -3.26
C GLY B 239 6.10 -4.79 -1.82
N GLU B 240 6.90 -3.75 -1.63
CA GLU B 240 7.02 -3.13 -0.32
C GLU B 240 5.65 -2.62 0.11
N GLY B 241 5.21 -3.01 1.30
CA GLY B 241 3.86 -2.74 1.73
C GLY B 241 2.85 -3.80 1.36
N GLY B 242 3.28 -4.92 0.76
CA GLY B 242 2.37 -5.99 0.44
C GLY B 242 2.09 -6.90 1.62
N HIS B 243 1.06 -7.72 1.47
CA HIS B 243 0.58 -8.56 2.57
C HIS B 243 -0.49 -9.49 2.03
N TYR B 244 -0.79 -10.52 2.81
CA TYR B 244 -1.88 -11.45 2.53
C TYR B 244 -2.39 -11.90 3.89
N HIS B 245 -3.62 -11.50 4.24
CA HIS B 245 -4.13 -11.82 5.56
C HIS B 245 -4.38 -13.32 5.70
N ALA B 246 -4.43 -13.78 6.95
CA ALA B 246 -4.42 -15.22 7.20
C ALA B 246 -5.69 -15.88 6.65
N HIS B 247 -5.54 -17.08 6.11
CA HIS B 247 -6.61 -17.79 5.44
C HIS B 247 -6.24 -19.27 5.42
N VAL B 248 -7.16 -20.10 4.95
CA VAL B 248 -6.89 -21.49 4.63
C VAL B 248 -6.97 -21.66 3.12
N ASP B 249 -6.18 -22.61 2.59
CA ASP B 249 -6.03 -22.76 1.14
C ASP B 249 -7.12 -23.60 0.49
N SER B 250 -8.06 -24.18 1.25
CA SER B 250 -9.11 -25.01 0.67
C SER B 250 -10.41 -24.88 1.45
N GLY B 251 -11.53 -24.94 0.73
CA GLY B 251 -12.83 -24.79 1.33
C GLY B 251 -13.29 -26.05 2.03
N PRO B 252 -14.41 -25.94 2.73
CA PRO B 252 -14.90 -27.08 3.53
C PRO B 252 -15.37 -28.23 2.65
N VAL B 253 -15.64 -29.35 3.31
CA VAL B 253 -16.00 -30.60 2.66
C VAL B 253 -17.50 -30.82 2.89
N TYR B 254 -18.27 -30.74 1.82
CA TYR B 254 -19.68 -31.11 1.81
C TYR B 254 -19.90 -32.09 0.67
N PRO B 255 -20.94 -32.93 0.77
CA PRO B 255 -21.24 -33.85 -0.35
C PRO B 255 -21.58 -33.13 -1.65
N GLU B 256 -21.79 -31.81 -1.63
CA GLU B 256 -22.23 -31.08 -2.81
C GLU B 256 -21.19 -30.08 -3.31
N THR B 257 -19.94 -30.15 -2.84
CA THR B 257 -18.90 -29.28 -3.38
C THR B 257 -18.16 -29.96 -4.51
N ILE B 258 -17.73 -29.15 -5.48
CA ILE B 258 -17.03 -29.61 -6.67
C ILE B 258 -15.66 -28.96 -6.72
N CYS B 259 -14.64 -29.72 -7.08
CA CYS B 259 -13.30 -29.17 -7.19
C CYS B 259 -13.12 -28.53 -8.55
N SER B 260 -12.54 -27.32 -8.56
CA SER B 260 -12.34 -26.60 -9.81
C SER B 260 -11.44 -27.39 -10.75
N HIS B 261 -10.44 -28.09 -10.22
CA HIS B 261 -9.54 -28.87 -11.05
C HIS B 261 -10.24 -30.09 -11.67
N THR B 262 -11.48 -30.37 -11.29
CA THR B 262 -12.26 -31.43 -11.92
C THR B 262 -13.41 -30.83 -12.74
N VAL B 270 -21.32 -24.56 -11.52
CA VAL B 270 -20.51 -23.82 -10.56
C VAL B 270 -21.10 -23.75 -9.10
N PRO B 271 -22.21 -24.43 -8.76
CA PRO B 271 -22.79 -24.23 -7.43
C PRO B 271 -21.88 -24.79 -6.34
N PHE B 272 -21.40 -23.89 -5.48
CA PHE B 272 -20.43 -24.21 -4.44
C PHE B 272 -19.24 -25.00 -4.98
N GLU B 273 -18.66 -24.47 -6.06
CA GLU B 273 -17.34 -24.89 -6.50
C GLU B 273 -16.28 -24.29 -5.59
N THR B 274 -15.32 -25.11 -5.17
CA THR B 274 -14.23 -24.66 -4.30
C THR B 274 -12.93 -25.33 -4.72
N SER B 275 -11.83 -24.82 -4.18
CA SER B 275 -10.51 -25.35 -4.47
C SER B 275 -10.17 -26.49 -3.51
N CYS B 276 -9.71 -27.60 -4.06
CA CYS B 276 -9.37 -28.79 -3.28
C CYS B 276 -7.86 -28.97 -3.41
N ARG B 277 -7.11 -28.30 -2.53
CA ARG B 277 -5.67 -28.38 -2.53
C ARG B 277 -5.24 -29.26 -1.35
N TYR B 278 -4.86 -30.50 -1.67
CA TYR B 278 -4.40 -31.44 -0.66
C TYR B 278 -3.16 -30.91 0.05
N MET B 279 -2.18 -30.44 -0.72
CA MET B 279 -0.93 -29.93 -0.18
C MET B 279 -0.67 -28.54 -0.75
N THR B 280 0.15 -27.78 -0.03
CA THR B 280 0.71 -26.53 -0.51
C THR B 280 2.22 -26.60 -0.37
N VAL B 281 2.94 -26.35 -1.47
CA VAL B 281 4.39 -26.31 -1.45
C VAL B 281 4.80 -24.89 -1.80
N LEU B 282 5.51 -24.23 -0.89
CA LEU B 282 5.86 -22.82 -1.01
C LEU B 282 7.37 -22.67 -1.17
N PHE B 283 7.78 -21.98 -2.22
CA PHE B 283 9.20 -21.73 -2.49
C PHE B 283 9.51 -20.26 -2.23
N TYR B 284 10.56 -20.00 -1.46
CA TYR B 284 11.05 -18.64 -1.27
C TYR B 284 12.08 -18.33 -2.35
N LEU B 285 11.78 -17.34 -3.18
CA LEU B 285 12.60 -17.05 -4.36
C LEU B 285 13.67 -16.00 -4.10
N ASN B 286 13.61 -15.29 -2.97
CA ASN B 286 14.61 -14.28 -2.66
C ASN B 286 14.64 -14.06 -1.15
N ASN B 287 15.78 -13.60 -0.67
CA ASN B 287 15.87 -13.05 0.68
C ASN B 287 15.15 -11.71 0.73
N VAL B 288 14.33 -11.52 1.76
CA VAL B 288 13.51 -10.32 1.92
C VAL B 288 14.20 -9.40 2.92
N THR B 289 14.47 -8.16 2.50
CA THR B 289 15.21 -7.23 3.34
C THR B 289 14.46 -6.91 4.64
N GLY B 290 13.14 -6.76 4.57
CA GLY B 290 12.36 -6.49 5.77
C GLY B 290 10.99 -7.13 5.81
N GLY B 291 10.68 -7.87 6.88
CA GLY B 291 9.35 -8.45 7.00
C GLY B 291 9.11 -9.57 5.99
N GLY B 292 7.86 -9.67 5.55
CA GLY B 292 7.52 -10.66 4.56
C GLY B 292 7.51 -12.10 5.04
N GLU B 293 7.42 -12.34 6.35
CA GLU B 293 7.34 -13.71 6.81
C GLU B 293 6.00 -14.35 6.44
N THR B 294 6.01 -15.68 6.41
CA THR B 294 4.80 -16.48 6.44
C THR B 294 4.46 -16.75 7.90
N VAL B 295 3.25 -16.41 8.32
CA VAL B 295 2.82 -16.64 9.70
C VAL B 295 1.78 -17.75 9.70
N PHE B 296 1.90 -18.64 10.68
CA PHE B 296 0.90 -19.66 11.00
C PHE B 296 0.41 -19.34 12.41
N PRO B 297 -0.65 -18.54 12.54
CA PRO B 297 -0.96 -17.95 13.86
C PRO B 297 -1.24 -18.95 14.96
N VAL B 298 -1.74 -20.13 14.63
CA VAL B 298 -2.19 -21.07 15.67
C VAL B 298 -1.41 -22.38 15.59
N ALA B 299 -0.20 -22.32 15.02
CA ALA B 299 0.57 -23.54 14.83
C ALA B 299 0.86 -24.21 16.17
N ASP B 300 0.57 -25.51 16.23
CA ASP B 300 0.76 -26.34 17.42
C ASP B 300 0.05 -25.78 18.65
N ASN B 301 -0.89 -24.87 18.47
CA ASN B 301 -1.69 -24.42 19.60
C ASN B 301 -2.51 -25.58 20.17
N ARG B 302 -2.67 -25.57 21.50
CA ARG B 302 -3.33 -26.68 22.17
C ARG B 302 -4.76 -26.87 21.68
N THR B 303 -5.52 -25.80 21.52
CA THR B 303 -6.84 -25.86 20.91
C THR B 303 -6.92 -24.84 19.79
N TYR B 304 -8.02 -24.91 19.03
CA TYR B 304 -8.38 -23.91 18.03
C TYR B 304 -9.70 -23.27 18.44
N ASP B 305 -9.67 -21.98 18.74
CA ASP B 305 -10.84 -21.28 19.25
C ASP B 305 -10.87 -19.87 18.64
N GLU B 306 -11.86 -19.62 17.79
CA GLU B 306 -11.98 -18.32 17.16
C GLU B 306 -12.32 -17.21 18.14
N MET B 307 -12.72 -17.54 19.38
CA MET B 307 -12.95 -16.52 20.39
C MET B 307 -11.66 -15.83 20.78
N SER B 308 -10.56 -16.60 20.83
CA SER B 308 -9.24 -16.02 21.08
C SER B 308 -8.54 -15.61 19.79
N LEU B 309 -8.87 -16.25 18.67
CA LEU B 309 -8.29 -15.87 17.39
C LEU B 309 -8.66 -14.44 17.02
N ILE B 310 -9.95 -14.12 17.08
CA ILE B 310 -10.48 -12.82 16.73
C ILE B 310 -11.00 -12.17 18.01
N GLN B 311 -10.31 -11.14 18.49
CA GLN B 311 -10.79 -10.36 19.61
C GLN B 311 -10.96 -8.90 19.18
N ASP B 312 -11.56 -8.10 20.07
CA ASP B 312 -11.86 -6.71 19.72
C ASP B 312 -10.59 -5.92 19.45
N ASP B 313 -9.52 -6.21 20.18
CA ASP B 313 -8.29 -5.43 20.12
C ASP B 313 -7.21 -6.08 19.26
N VAL B 314 -7.25 -7.41 19.10
CA VAL B 314 -6.22 -8.15 18.38
C VAL B 314 -6.91 -9.18 17.49
N ASP B 315 -6.81 -8.99 16.17
CA ASP B 315 -7.22 -9.99 15.19
C ASP B 315 -5.96 -10.72 14.71
N LEU B 316 -5.77 -11.95 15.19
CA LEU B 316 -4.57 -12.71 14.82
C LEU B 316 -4.51 -13.06 13.33
N ARG B 317 -5.58 -12.82 12.56
CA ARG B 317 -5.53 -13.03 11.12
C ARG B 317 -4.90 -11.87 10.37
N ASP B 318 -4.71 -10.73 11.03
CA ASP B 318 -4.19 -9.52 10.42
C ASP B 318 -2.67 -9.63 10.35
N THR B 319 -2.15 -9.89 9.15
CA THR B 319 -0.72 -10.04 8.92
C THR B 319 -0.02 -8.72 8.62
N ARG B 320 -0.73 -7.61 8.72
CA ARG B 320 -0.07 -6.31 8.69
C ARG B 320 0.26 -5.83 10.09
N ARG B 321 -0.57 -6.18 11.07
CA ARG B 321 -0.47 -5.68 12.44
C ARG B 321 0.09 -6.69 13.42
N HIS B 322 -0.34 -7.94 13.34
CA HIS B 322 -0.23 -8.86 14.47
C HIS B 322 0.56 -10.13 14.15
N CYS B 323 1.39 -10.09 13.10
CA CYS B 323 2.27 -11.22 12.78
C CYS B 323 3.17 -11.59 13.95
N ASP B 324 3.61 -10.60 14.73
CA ASP B 324 4.53 -10.88 15.83
C ASP B 324 3.85 -11.59 16.99
N LYS B 325 2.53 -11.72 16.97
CA LYS B 325 1.78 -12.42 18.00
C LYS B 325 1.38 -13.84 17.60
N GLY B 326 1.63 -14.26 16.36
CA GLY B 326 1.28 -15.60 15.95
C GLY B 326 2.23 -16.64 16.54
N ASN B 327 1.77 -17.90 16.53
CA ASN B 327 2.52 -18.98 17.16
C ASN B 327 3.84 -19.25 16.44
N LEU B 328 3.88 -19.10 15.12
CA LEU B 328 4.99 -19.61 14.32
C LEU B 328 5.17 -18.72 13.10
N ARG B 329 6.42 -18.30 12.84
CA ARG B 329 6.75 -17.54 11.65
C ARG B 329 7.87 -18.25 10.89
N VAL B 330 7.79 -18.20 9.56
CA VAL B 330 8.87 -18.66 8.69
C VAL B 330 9.49 -17.45 8.04
N LYS B 331 10.80 -17.30 8.20
CA LYS B 331 11.51 -16.22 7.55
C LYS B 331 11.88 -16.64 6.13
N PRO B 332 11.51 -15.86 5.12
CA PRO B 332 11.91 -16.21 3.74
C PRO B 332 13.41 -16.34 3.63
N GLN B 333 13.85 -17.48 3.07
CA GLN B 333 15.24 -17.68 2.71
C GLN B 333 15.28 -18.20 1.28
N GLN B 334 16.06 -17.54 0.42
CA GLN B 334 16.13 -17.90 -0.99
C GLN B 334 16.50 -19.38 -1.15
N GLY B 335 15.67 -20.10 -1.90
CA GLY B 335 15.87 -21.52 -2.14
C GLY B 335 15.13 -22.44 -1.19
N THR B 336 14.74 -21.95 -0.01
CA THR B 336 14.04 -22.79 0.95
C THR B 336 12.61 -23.05 0.50
N ALA B 337 12.17 -24.30 0.63
CA ALA B 337 10.78 -24.69 0.42
C ALA B 337 10.17 -25.11 1.75
N VAL B 338 8.93 -24.69 1.97
CA VAL B 338 8.11 -25.18 3.07
C VAL B 338 6.85 -25.77 2.45
N PHE B 339 6.33 -26.84 3.07
CA PHE B 339 5.12 -27.44 2.55
C PHE B 339 4.30 -27.98 3.70
N TRP B 340 2.97 -28.01 3.50
CA TRP B 340 2.07 -28.43 4.56
C TRP B 340 0.80 -29.01 3.96
N TYR B 341 0.12 -29.81 4.77
CA TYR B 341 -1.14 -30.45 4.40
C TYR B 341 -2.30 -29.58 4.87
N ASN B 342 -3.23 -29.31 3.96
CA ASN B 342 -4.38 -28.47 4.28
C ASN B 342 -5.55 -29.26 4.83
N TYR B 343 -5.54 -30.59 4.68
CA TYR B 343 -6.60 -31.43 5.18
C TYR B 343 -6.05 -32.38 6.24
N LEU B 344 -6.93 -32.85 7.10
CA LEU B 344 -6.60 -33.93 8.01
C LEU B 344 -6.75 -35.27 7.30
N PRO B 345 -6.16 -36.34 7.82
CA PRO B 345 -6.49 -37.68 7.32
C PRO B 345 -7.97 -37.96 7.53
N ASP B 346 -8.46 -38.96 6.82
CA ASP B 346 -9.83 -39.44 7.01
C ASP B 346 -9.88 -40.77 7.77
N GLY B 347 -8.72 -41.36 8.07
CA GLY B 347 -8.66 -42.64 8.73
C GLY B 347 -8.64 -43.83 7.80
N GLN B 348 -8.90 -43.64 6.50
CA GLN B 348 -8.92 -44.71 5.52
C GLN B 348 -7.97 -44.46 4.36
N GLY B 349 -7.09 -43.48 4.46
CA GLY B 349 -6.10 -43.24 3.45
C GLY B 349 -6.42 -42.16 2.44
N TRP B 350 -7.57 -41.49 2.60
CA TRP B 350 -7.95 -40.41 1.72
C TRP B 350 -7.97 -39.09 2.49
N VAL B 351 -8.86 -38.17 2.08
CA VAL B 351 -8.85 -36.79 2.51
C VAL B 351 -9.97 -36.59 3.53
N GLY B 352 -9.61 -36.08 4.70
CA GLY B 352 -10.58 -35.75 5.73
C GLY B 352 -11.01 -34.30 5.65
N ASP B 353 -11.38 -33.76 6.81
CA ASP B 353 -11.84 -32.37 6.88
C ASP B 353 -10.64 -31.42 6.73
N VAL B 354 -10.99 -30.14 6.53
CA VAL B 354 -9.95 -29.11 6.50
C VAL B 354 -9.27 -29.02 7.85
N ASP B 355 -7.95 -28.88 7.83
CA ASP B 355 -7.19 -28.64 9.05
C ASP B 355 -7.25 -27.15 9.35
N ASP B 356 -8.07 -26.78 10.35
CA ASP B 356 -8.19 -25.38 10.73
C ASP B 356 -6.84 -24.78 11.10
N TYR B 357 -5.95 -25.58 11.69
CA TYR B 357 -4.65 -25.08 12.11
C TYR B 357 -3.79 -24.66 10.92
N SER B 358 -4.14 -25.04 9.69
CA SER B 358 -3.33 -24.65 8.54
C SER B 358 -3.48 -23.17 8.21
N LEU B 359 -4.25 -22.43 9.00
CA LEU B 359 -4.39 -20.99 8.81
C LEU B 359 -3.04 -20.32 8.66
N HIS B 360 -2.91 -19.46 7.65
CA HIS B 360 -1.60 -18.90 7.36
C HIS B 360 -1.75 -17.67 6.48
N GLY B 361 -0.74 -16.81 6.54
CA GLY B 361 -0.77 -15.60 5.74
C GLY B 361 0.62 -15.08 5.45
N GLY B 362 0.65 -14.04 4.63
CA GLY B 362 1.88 -13.38 4.26
C GLY B 362 1.99 -12.06 4.99
N CYS B 363 2.99 -11.97 5.86
CA CYS B 363 3.20 -10.80 6.69
C CYS B 363 3.62 -9.59 5.85
N LEU B 364 3.30 -8.41 6.38
CA LEU B 364 3.67 -7.15 5.73
C LEU B 364 5.16 -7.12 5.39
N VAL B 365 5.45 -6.73 4.15
CA VAL B 365 6.82 -6.54 3.69
C VAL B 365 7.21 -5.10 3.99
N THR B 366 8.22 -4.90 4.84
CA THR B 366 8.60 -3.56 5.25
C THR B 366 9.74 -2.96 4.43
N ARG B 367 10.63 -3.77 3.86
CA ARG B 367 11.69 -3.27 3.00
C ARG B 367 11.83 -4.18 1.79
N GLY B 368 11.83 -3.59 0.60
CA GLY B 368 12.15 -4.35 -0.58
C GLY B 368 10.97 -5.12 -1.10
N THR B 369 11.28 -6.14 -1.91
N THR B 369 11.27 -6.16 -1.88
CA THR B 369 10.27 -6.99 -2.52
CA THR B 369 10.27 -6.98 -2.53
C THR B 369 10.36 -8.39 -1.95
C THR B 369 10.39 -8.43 -2.09
N LYS B 370 9.27 -9.14 -2.11
CA LYS B 370 9.20 -10.53 -1.70
C LYS B 370 8.61 -11.34 -2.84
N TRP B 371 9.39 -12.28 -3.35
CA TRP B 371 8.99 -13.18 -4.42
C TRP B 371 8.86 -14.60 -3.86
N ILE B 372 7.72 -15.23 -4.11
CA ILE B 372 7.56 -16.64 -3.80
C ILE B 372 6.82 -17.32 -4.95
N ALA B 373 7.05 -18.62 -5.07
CA ALA B 373 6.24 -19.48 -5.92
C ALA B 373 5.60 -20.53 -5.04
N ASN B 374 4.39 -20.93 -5.38
CA ASN B 374 3.75 -22.00 -4.64
C ASN B 374 3.15 -23.02 -5.60
N ASN B 375 3.37 -24.28 -5.26
CA ASN B 375 2.80 -25.42 -5.96
C ASN B 375 1.64 -25.93 -5.11
N TRP B 376 0.46 -26.02 -5.71
CA TRP B 376 -0.70 -26.61 -5.08
C TRP B 376 -0.91 -28.01 -5.64
N ILE B 377 -1.05 -28.99 -4.75
CA ILE B 377 -1.37 -30.36 -5.14
C ILE B 377 -2.87 -30.56 -4.92
N ASN B 378 -3.58 -30.85 -6.01
CA ASN B 378 -5.03 -31.01 -5.96
C ASN B 378 -5.42 -32.48 -5.86
N VAL B 379 -6.26 -32.79 -4.89
CA VAL B 379 -6.85 -34.11 -4.72
C VAL B 379 -8.32 -33.93 -4.42
N ASP B 380 -9.17 -34.66 -5.12
CA ASP B 380 -10.61 -34.58 -4.89
C ASP B 380 -10.97 -35.27 -3.58
N PRO B 381 -11.63 -34.59 -2.63
CA PRO B 381 -12.03 -35.27 -1.39
C PRO B 381 -12.87 -36.52 -1.60
N SER B 382 -13.58 -36.63 -2.72
CA SER B 382 -14.26 -37.88 -3.07
C SER B 382 -13.33 -38.67 -3.98
N ARG B 383 -12.81 -39.78 -3.46
CA ARG B 383 -11.88 -40.60 -4.25
C ARG B 383 -12.53 -41.10 -5.53
N ALA B 384 -13.84 -41.32 -5.53
CA ALA B 384 -14.51 -41.79 -6.74
C ALA B 384 -14.40 -40.76 -7.86
N ARG B 385 -14.62 -39.49 -7.55
CA ARG B 385 -14.48 -38.45 -8.57
C ARG B 385 -13.05 -38.34 -9.06
N GLN B 386 -12.09 -38.35 -8.12
CA GLN B 386 -10.68 -38.25 -8.50
C GLN B 386 -10.26 -39.41 -9.39
N ALA B 387 -10.81 -40.60 -9.14
CA ALA B 387 -10.47 -41.77 -9.96
C ALA B 387 -10.96 -41.60 -11.39
N LEU B 388 -12.23 -41.22 -11.56
CA LEU B 388 -12.77 -41.05 -12.91
C LEU B 388 -12.10 -39.90 -13.64
N PHE B 389 -11.64 -38.88 -12.90
CA PHE B 389 -11.10 -37.68 -13.54
C PHE B 389 -9.77 -37.96 -14.21
N GLN B 390 -8.83 -38.57 -13.48
CA GLN B 390 -7.50 -38.81 -14.04
C GLN B 390 -7.47 -39.99 -14.99
N GLN B 391 -8.41 -40.92 -14.87
CA GLN B 391 -8.55 -41.99 -15.86
C GLN B 391 -9.11 -41.46 -17.17
N GLU B 392 -10.01 -40.47 -17.09
CA GLU B 392 -10.56 -39.86 -18.29
C GLU B 392 -9.53 -38.95 -18.95
N MET B 393 -8.77 -38.21 -18.15
CA MET B 393 -7.68 -37.41 -18.71
C MET B 393 -6.68 -38.30 -19.46
N ALA B 394 -6.49 -39.53 -18.98
CA ALA B 394 -5.67 -40.48 -19.71
C ALA B 394 -6.21 -40.75 -21.11
N ARG B 395 -7.53 -40.67 -21.29
CA ARG B 395 -8.12 -40.82 -22.63
C ARG B 395 -7.53 -39.82 -23.61
N LEU B 396 -7.58 -38.54 -23.25
CA LEU B 396 -7.23 -37.46 -24.15
C LEU B 396 -5.72 -37.32 -24.34
N ALA B 397 -4.92 -38.11 -23.64
CA ALA B 397 -3.48 -38.22 -23.91
C ALA B 397 -3.20 -39.31 -24.93
N ARG B 398 -3.82 -40.49 -24.78
CA ARG B 398 -3.63 -41.56 -25.75
C ARG B 398 -4.53 -41.41 -26.96
N GLU B 399 -5.71 -40.79 -26.80
CA GLU B 399 -6.49 -40.39 -27.95
C GLU B 399 -5.73 -39.38 -28.80
N GLY B 400 -5.03 -38.46 -28.14
CA GLY B 400 -4.18 -37.50 -28.83
C GLY B 400 -2.75 -37.98 -28.93
#